data_5HDM
#
_entry.id   5HDM
#
_cell.length_a   64.117
_cell.length_b   109.331
_cell.length_c   115.502
_cell.angle_alpha   90.000
_cell.angle_beta   90.000
_cell.angle_gamma   90.000
#
_symmetry.space_group_name_H-M   'P 21 21 21'
#
loop_
_entity.id
_entity.type
_entity.pdbx_description
1 polymer 'Glutamate-1-semialdehyde 2,1-aminomutase 1, chloroplastic'
2 non-polymer "4'-DEOXY-4'-AMINOPYRIDOXAL-5'-PHOSPHATE"
3 non-polymer "PYRIDOXAL-5'-PHOSPHATE"
4 water water
#
_entity_poly.entity_id   1
_entity_poly.type   'polypeptide(L)'
_entity_poly.pdbx_seq_one_letter_code
;VDEKKKSFSLQKSEEAFNAAKNLMPGGVNSPVRAFKSVGGQPVLIDSVKGSKMWDIDGNEYIDYVGSWGPAIIGHADDEV
LAALAETMKKGTSFGAPCLLENVLAEMVISAVPSIEMVRFVNSGTEACMGVLRLARAFTNKEKFIKFEGCYHGHANAFLV
KAGSGVATLGLPDSPGVPKAATSDTLTAPYNDLEAVEKLFAAHKGEISAVILEPVVGNSGFIPPTPEFINGLRQLTKDNG
VLLIFDEVMTGFRLAYGGAQEYFGITPDLTTLGKIIGGGLPVGAYGGRRDIMEMVAPAGPMYQAGTLSGNPLAMTAGIHT
LKRLKQAGTYEYLDKITKELTNGILEAGKKTGHPMCGGYISGMFGFFFAEGPVYNFADSKKSDTEKFGRFFRGMLEEGVY
FAPSQFEAGFTSLAHTPEDIQLTIAAAERVLSRI
;
_entity_poly.pdbx_strand_id   A,B
#
# COMPACT_ATOMS: atom_id res chain seq x y z
N SER A 7 10.38 22.44 32.22
CA SER A 7 11.31 22.49 31.10
C SER A 7 10.83 21.57 29.98
N PHE A 8 10.82 22.08 28.76
CA PHE A 8 10.43 21.27 27.62
C PHE A 8 11.56 20.37 27.18
N SER A 9 11.37 19.06 27.35
CA SER A 9 12.41 18.09 27.03
C SER A 9 11.96 17.07 26.00
N LEU A 10 12.81 16.89 24.98
CA LEU A 10 12.67 15.81 24.03
C LEU A 10 13.82 14.82 24.15
N GLN A 11 14.31 14.64 25.38
CA GLN A 11 15.46 13.78 25.62
C GLN A 11 15.36 12.38 25.01
N LYS A 12 14.28 11.68 25.34
CA LYS A 12 14.12 10.32 24.83
C LYS A 12 13.88 10.29 23.32
N SER A 13 13.16 11.27 22.79
CA SER A 13 13.00 11.38 21.34
C SER A 13 14.33 11.63 20.63
N GLU A 14 15.19 12.42 21.24
CA GLU A 14 16.49 12.71 20.63
C GLU A 14 17.34 11.45 20.56
N GLU A 15 17.37 10.69 21.65
CA GLU A 15 18.14 9.46 21.69
CA GLU A 15 18.13 9.45 21.70
C GLU A 15 17.60 8.42 20.71
N ALA A 16 16.28 8.25 20.69
CA ALA A 16 15.68 7.25 19.84
C ALA A 16 15.76 7.61 18.36
N PHE A 17 15.66 8.90 18.04
CA PHE A 17 15.80 9.33 16.65
C PHE A 17 17.23 9.16 16.16
N ASN A 18 18.21 9.44 17.02
CA ASN A 18 19.60 9.16 16.66
C ASN A 18 19.80 7.70 16.28
N ALA A 19 19.20 6.80 17.06
CA ALA A 19 19.27 5.38 16.75
C ALA A 19 18.54 5.08 15.44
N ALA A 20 17.38 5.69 15.25
CA ALA A 20 16.57 5.47 14.05
C ALA A 20 17.33 5.80 12.76
N LYS A 21 18.15 6.84 12.82
CA LYS A 21 18.89 7.27 11.63
C LYS A 21 19.87 6.24 11.10
N ASN A 22 20.25 5.27 11.94
CA ASN A 22 21.11 4.18 11.51
C ASN A 22 20.34 2.94 11.09
N LEU A 23 19.02 3.03 11.10
CA LEU A 23 18.15 1.89 10.80
C LEU A 23 17.30 2.11 9.54
N MET A 24 16.80 3.33 9.38
CA MET A 24 15.87 3.71 8.30
C MET A 24 16.42 4.98 7.66
N PRO A 25 16.16 5.18 6.35
CA PRO A 25 16.72 6.37 5.71
C PRO A 25 16.20 7.66 6.35
N GLY A 26 17.12 8.47 6.86
CA GLY A 26 16.74 9.70 7.53
C GLY A 26 16.04 9.45 8.85
N GLY A 27 16.06 8.20 9.31
CA GLY A 27 15.45 7.82 10.57
C GLY A 27 13.95 7.65 10.54
N VAL A 28 13.33 7.66 9.36
CA VAL A 28 11.88 7.70 9.25
C VAL A 28 11.35 6.82 8.14
N ASN A 29 10.04 6.58 8.18
CA ASN A 29 9.36 5.85 7.12
C ASN A 29 8.57 6.74 6.18
N SER A 30 8.62 8.06 6.39
CA SER A 30 8.08 9.01 5.42
C SER A 30 8.76 10.35 5.62
N PRO A 31 9.13 11.03 4.51
CA PRO A 31 10.05 12.19 4.61
C PRO A 31 9.65 13.31 5.57
N VAL A 32 8.38 13.72 5.58
CA VAL A 32 7.95 14.83 6.42
C VAL A 32 8.22 14.56 7.90
N ARG A 33 8.28 13.29 8.27
CA ARG A 33 8.43 12.91 9.66
C ARG A 33 9.77 13.32 10.26
N ALA A 34 10.76 13.60 9.40
CA ALA A 34 12.09 13.91 9.89
C ALA A 34 12.26 15.37 10.34
N PHE A 35 11.21 16.18 10.21
CA PHE A 35 11.20 17.57 10.71
C PHE A 35 12.23 18.46 10.03
N LYS A 36 12.67 18.13 8.83
CA LYS A 36 13.77 18.89 8.23
C LYS A 36 13.46 20.37 8.00
N SER A 37 12.21 20.71 7.77
CA SER A 37 11.91 22.12 7.53
CA SER A 37 11.83 22.11 7.52
C SER A 37 11.60 22.88 8.81
N VAL A 38 11.57 22.16 9.94
CA VAL A 38 11.26 22.80 11.21
C VAL A 38 12.30 22.55 12.31
N GLY A 39 13.54 22.27 11.92
CA GLY A 39 14.63 22.19 12.89
C GLY A 39 15.24 20.81 13.10
N GLY A 40 14.55 19.77 12.63
CA GLY A 40 15.17 18.46 12.58
C GLY A 40 15.08 17.60 13.83
N GLN A 41 14.24 17.95 14.80
CA GLN A 41 14.07 17.05 15.96
CA GLN A 41 14.07 17.11 16.00
C GLN A 41 12.64 16.57 16.11
N PRO A 42 12.35 15.43 15.47
CA PRO A 42 11.00 14.87 15.52
C PRO A 42 10.58 14.48 16.92
N VAL A 43 9.28 14.45 17.11
CA VAL A 43 8.69 14.01 18.36
C VAL A 43 8.22 12.56 18.20
N LEU A 44 8.83 11.65 18.95
CA LEU A 44 8.39 10.25 18.89
C LEU A 44 7.16 10.07 19.75
N ILE A 45 6.17 9.42 19.19
CA ILE A 45 4.86 9.31 19.83
CA ILE A 45 4.84 9.28 19.80
C ILE A 45 4.76 8.05 20.68
N ASP A 46 4.21 8.20 21.88
CA ASP A 46 3.89 7.07 22.74
C ASP A 46 2.43 6.66 22.62
N SER A 47 1.51 7.62 22.67
CA SER A 47 0.10 7.30 22.54
C SER A 47 -0.70 8.49 22.06
N VAL A 48 -1.91 8.19 21.61
CA VAL A 48 -2.85 9.21 21.17
C VAL A 48 -4.24 8.85 21.71
N LYS A 49 -5.01 9.85 22.10
CA LYS A 49 -6.37 9.61 22.58
C LYS A 49 -7.19 10.87 22.40
N GLY A 50 -8.32 10.75 21.72
CA GLY A 50 -9.16 11.93 21.52
C GLY A 50 -8.46 12.95 20.64
N SER A 51 -8.31 14.17 21.16
CA SER A 51 -7.60 15.22 20.45
C SER A 51 -6.15 15.38 20.95
N LYS A 52 -5.69 14.45 21.78
CA LYS A 52 -4.40 14.58 22.44
C LYS A 52 -3.38 13.54 21.96
N MET A 53 -2.13 13.93 22.04
CA MET A 53 -1.01 13.05 21.78
C MET A 53 -0.03 13.17 22.94
N TRP A 54 0.58 12.05 23.33
CA TRP A 54 1.65 12.04 24.32
C TRP A 54 2.91 11.48 23.68
N ASP A 55 4.03 12.16 23.90
CA ASP A 55 5.28 11.69 23.35
C ASP A 55 6.02 10.78 24.32
N ILE A 56 7.15 10.24 23.89
CA ILE A 56 7.86 9.28 24.72
C ILE A 56 8.58 9.94 25.90
N ASP A 57 8.62 11.28 25.90
CA ASP A 57 9.12 12.02 27.05
C ASP A 57 8.00 12.43 28.00
N GLY A 58 6.76 12.04 27.69
CA GLY A 58 5.64 12.32 28.57
C GLY A 58 4.97 13.67 28.34
N ASN A 59 5.43 14.43 27.36
CA ASN A 59 4.76 15.68 27.01
C ASN A 59 3.41 15.42 26.36
N GLU A 60 2.43 16.24 26.72
CA GLU A 60 1.09 16.16 26.13
C GLU A 60 0.88 17.32 25.14
N TYR A 61 0.18 17.03 24.05
CA TYR A 61 -0.12 18.05 23.05
C TYR A 61 -1.55 17.95 22.59
N ILE A 62 -2.16 19.10 22.28
CA ILE A 62 -3.37 19.10 21.46
C ILE A 62 -2.89 18.92 20.00
N ASP A 63 -3.43 17.90 19.35
CA ASP A 63 -2.92 17.41 18.06
CA ASP A 63 -2.91 17.46 18.06
C ASP A 63 -3.80 17.91 16.91
N TYR A 64 -3.20 18.63 15.96
CA TYR A 64 -3.92 19.08 14.76
C TYR A 64 -3.44 18.37 13.49
N VAL A 65 -2.80 17.21 13.69
CA VAL A 65 -2.35 16.39 12.58
C VAL A 65 -3.30 15.20 12.37
N GLY A 66 -3.79 14.62 13.46
CA GLY A 66 -4.74 13.52 13.36
C GLY A 66 -4.22 12.36 12.51
N SER A 67 -2.93 12.06 12.68
CA SER A 67 -2.24 11.03 11.87
CA SER A 67 -2.26 11.03 11.88
C SER A 67 -2.35 11.31 10.37
N TRP A 68 -2.51 12.58 10.02
CA TRP A 68 -2.61 13.09 8.64
C TRP A 68 -3.98 12.91 8.03
N GLY A 69 -5.00 12.74 8.85
CA GLY A 69 -6.35 12.62 8.32
C GLY A 69 -7.23 11.49 8.81
N PRO A 70 -6.66 10.36 9.25
CA PRO A 70 -7.59 9.27 9.62
C PRO A 70 -8.38 9.55 10.90
N ALA A 71 -7.86 10.35 11.83
CA ALA A 71 -8.42 10.41 13.19
C ALA A 71 -9.58 11.39 13.36
N ILE A 72 -10.46 11.46 12.37
CA ILE A 72 -11.52 12.45 12.41
C ILE A 72 -12.53 12.28 13.54
N ILE A 73 -12.72 11.07 14.06
CA ILE A 73 -13.63 10.94 15.21
C ILE A 73 -12.90 10.97 16.54
N GLY A 74 -11.59 11.23 16.50
CA GLY A 74 -10.75 11.18 17.68
C GLY A 74 -9.84 9.97 17.63
N HIS A 75 -8.65 10.10 18.17
CA HIS A 75 -7.69 9.01 18.25
C HIS A 75 -8.17 7.92 19.20
N ALA A 76 -7.87 6.67 18.89
CA ALA A 76 -8.16 5.54 19.77
C ALA A 76 -9.61 5.55 20.26
N ASP A 77 -10.55 5.74 19.35
CA ASP A 77 -11.95 5.78 19.74
C ASP A 77 -12.38 4.46 20.38
N ASP A 78 -13.04 4.54 21.53
CA ASP A 78 -13.40 3.33 22.27
C ASP A 78 -14.25 2.34 21.47
N GLU A 79 -15.21 2.85 20.71
CA GLU A 79 -16.08 1.98 19.93
C GLU A 79 -15.32 1.28 18.81
N VAL A 80 -14.45 2.04 18.12
CA VAL A 80 -13.62 1.44 17.08
C VAL A 80 -12.68 0.38 17.68
N LEU A 81 -12.06 0.68 18.82
CA LEU A 81 -11.17 -0.30 19.44
C LEU A 81 -11.92 -1.56 19.86
N ALA A 82 -13.13 -1.38 20.41
CA ALA A 82 -13.92 -2.54 20.81
C ALA A 82 -14.25 -3.40 19.60
N ALA A 83 -14.54 -2.75 18.47
CA ALA A 83 -14.85 -3.47 17.25
C ALA A 83 -13.62 -4.23 16.73
N LEU A 84 -12.45 -3.60 16.80
CA LEU A 84 -11.22 -4.26 16.39
C LEU A 84 -10.92 -5.47 17.27
N ALA A 85 -11.14 -5.32 18.57
CA ALA A 85 -10.90 -6.40 19.52
C ALA A 85 -11.77 -7.61 19.20
N GLU A 86 -13.02 -7.35 18.80
CA GLU A 86 -13.91 -8.45 18.48
C GLU A 86 -13.53 -9.10 17.15
N THR A 87 -13.29 -8.28 16.12
CA THR A 87 -12.96 -8.80 14.80
C THR A 87 -11.66 -9.61 14.78
N MET A 88 -10.64 -9.15 15.48
CA MET A 88 -9.33 -9.80 15.38
CA MET A 88 -9.34 -9.79 15.38
C MET A 88 -9.33 -11.22 15.91
N LYS A 89 -10.27 -11.55 16.80
CA LYS A 89 -10.39 -12.92 17.31
C LYS A 89 -10.58 -13.91 16.17
N LYS A 90 -11.20 -13.45 15.09
CA LYS A 90 -11.48 -14.30 13.93
C LYS A 90 -10.39 -14.28 12.87
N GLY A 91 -9.31 -13.52 13.13
CA GLY A 91 -8.22 -13.42 12.17
C GLY A 91 -8.14 -12.03 11.58
N THR A 92 -6.94 -11.61 11.20
CA THR A 92 -6.76 -10.23 10.73
C THR A 92 -6.65 -10.12 9.22
N SER A 93 -6.39 -11.24 8.56
CA SER A 93 -6.20 -11.25 7.11
CA SER A 93 -6.23 -11.25 7.12
C SER A 93 -6.66 -12.60 6.58
N PHE A 94 -7.47 -12.58 5.52
CA PHE A 94 -8.01 -13.79 4.95
C PHE A 94 -7.47 -14.07 3.55
N GLY A 95 -7.17 -13.02 2.79
CA GLY A 95 -6.76 -13.20 1.39
C GLY A 95 -7.89 -13.71 0.50
N ALA A 96 -9.11 -13.49 0.96
CA ALA A 96 -10.30 -14.00 0.30
C ALA A 96 -11.46 -13.12 0.74
N PRO A 97 -12.58 -13.15 0.00
CA PRO A 97 -13.69 -12.28 0.34
C PRO A 97 -14.30 -12.59 1.70
N CYS A 98 -14.80 -11.55 2.37
CA CYS A 98 -15.52 -11.71 3.62
C CYS A 98 -16.69 -10.74 3.66
N LEU A 99 -17.59 -10.95 4.60
CA LEU A 99 -18.79 -10.13 4.66
C LEU A 99 -18.51 -8.65 4.98
N LEU A 100 -17.46 -8.39 5.75
CA LEU A 100 -17.13 -7.01 6.12
C LEU A 100 -16.80 -6.16 4.90
N GLU A 101 -16.24 -6.78 3.86
CA GLU A 101 -15.98 -6.06 2.61
C GLU A 101 -17.29 -5.60 1.97
N ASN A 102 -18.30 -6.47 1.98
CA ASN A 102 -19.61 -6.06 1.44
C ASN A 102 -20.16 -4.88 2.24
N VAL A 103 -20.01 -4.95 3.57
CA VAL A 103 -20.56 -3.91 4.43
C VAL A 103 -19.89 -2.55 4.17
N LEU A 104 -18.56 -2.51 4.17
CA LEU A 104 -17.92 -1.24 3.91
C LEU A 104 -18.18 -0.75 2.48
N ALA A 105 -18.19 -1.65 1.51
CA ALA A 105 -18.50 -1.25 0.13
C ALA A 105 -19.86 -0.58 0.04
N GLU A 106 -20.87 -1.19 0.65
CA GLU A 106 -22.21 -0.61 0.72
C GLU A 106 -22.20 0.78 1.35
N MET A 107 -21.49 0.92 2.46
CA MET A 107 -21.44 2.20 3.15
C MET A 107 -20.78 3.29 2.32
N VAL A 108 -19.72 2.93 1.61
CA VAL A 108 -19.03 3.90 0.78
C VAL A 108 -19.88 4.32 -0.42
N ILE A 109 -20.53 3.36 -1.06
CA ILE A 109 -21.42 3.65 -2.18
C ILE A 109 -22.56 4.57 -1.73
N SER A 110 -23.09 4.32 -0.54
CA SER A 110 -24.15 5.17 -0.02
C SER A 110 -23.64 6.59 0.28
N ALA A 111 -22.42 6.68 0.82
CA ALA A 111 -21.89 7.95 1.28
C ALA A 111 -21.42 8.90 0.19
N VAL A 112 -20.80 8.36 -0.86
CA VAL A 112 -20.09 9.18 -1.83
C VAL A 112 -20.85 9.25 -3.14
N PRO A 113 -21.31 10.45 -3.52
CA PRO A 113 -22.20 10.60 -4.68
C PRO A 113 -21.73 9.88 -5.94
N SER A 114 -20.48 10.06 -6.35
CA SER A 114 -20.01 9.48 -7.61
C SER A 114 -19.80 7.97 -7.59
N ILE A 115 -19.71 7.38 -6.40
CA ILE A 115 -19.31 5.97 -6.32
C ILE A 115 -20.50 5.02 -6.40
N GLU A 116 -20.54 4.25 -7.50
CA GLU A 116 -21.55 3.22 -7.69
C GLU A 116 -20.98 1.83 -7.46
N MET A 117 -19.66 1.73 -7.54
CA MET A 117 -18.92 0.47 -7.38
C MET A 117 -17.53 0.90 -6.92
N VAL A 118 -16.91 0.09 -6.06
CA VAL A 118 -15.71 0.48 -5.37
C VAL A 118 -14.74 -0.69 -5.27
N ARG A 119 -13.44 -0.38 -5.29
CA ARG A 119 -12.37 -1.35 -5.13
C ARG A 119 -11.46 -0.86 -4.00
N PHE A 120 -11.26 -1.71 -3.00
CA PHE A 120 -10.42 -1.40 -1.86
C PHE A 120 -8.97 -1.79 -2.10
N VAL A 121 -8.07 -0.93 -1.63
CA VAL A 121 -6.63 -1.15 -1.74
C VAL A 121 -6.01 -0.72 -0.41
N ASN A 122 -4.68 -0.74 -0.30
CA ASN A 122 -4.04 -0.53 1.00
C ASN A 122 -3.45 0.84 1.32
N SER A 123 -3.57 1.79 0.39
CA SER A 123 -3.05 3.14 0.59
C SER A 123 -3.63 4.09 -0.42
N GLY A 124 -3.50 5.38 -0.15
CA GLY A 124 -3.87 6.39 -1.12
C GLY A 124 -3.01 6.30 -2.39
N THR A 125 -1.73 5.97 -2.21
CA THR A 125 -0.85 5.79 -3.36
C THR A 125 -1.39 4.72 -4.30
N GLU A 126 -1.78 3.58 -3.73
CA GLU A 126 -2.35 2.51 -4.54
C GLU A 126 -3.67 2.91 -5.18
N ALA A 127 -4.49 3.65 -4.44
CA ALA A 127 -5.80 4.08 -4.96
C ALA A 127 -5.62 4.98 -6.17
N CYS A 128 -4.66 5.90 -6.10
CA CYS A 128 -4.43 6.84 -7.18
C CYS A 128 -3.80 6.15 -8.39
N MET A 129 -2.89 5.21 -8.16
N MET A 129 -2.94 5.18 -8.14
CA MET A 129 -2.35 4.37 -9.24
CA MET A 129 -2.37 4.39 -9.21
C MET A 129 -3.50 3.69 -9.97
C MET A 129 -3.44 3.63 -9.96
N GLY A 130 -4.37 3.06 -9.21
CA GLY A 130 -5.46 2.31 -9.79
C GLY A 130 -6.39 3.20 -10.58
N VAL A 131 -6.74 4.36 -10.02
CA VAL A 131 -7.74 5.20 -10.66
C VAL A 131 -7.22 5.78 -11.98
N LEU A 132 -5.92 6.06 -12.01
CA LEU A 132 -5.31 6.60 -13.22
C LEU A 132 -5.27 5.54 -14.31
N ARG A 133 -4.86 4.34 -13.94
CA ARG A 133 -4.82 3.24 -14.89
C ARG A 133 -6.22 2.97 -15.43
N LEU A 134 -7.21 3.07 -14.55
CA LEU A 134 -8.58 2.84 -14.95
C LEU A 134 -9.08 3.90 -15.94
N ALA A 135 -8.78 5.16 -15.66
CA ALA A 135 -9.20 6.23 -16.55
C ALA A 135 -8.56 6.08 -17.92
N ARG A 136 -7.27 5.76 -17.93
CA ARG A 136 -6.56 5.55 -19.19
C ARG A 136 -7.13 4.35 -19.94
N ALA A 137 -7.47 3.28 -19.22
CA ALA A 137 -8.05 2.09 -19.84
C ALA A 137 -9.44 2.36 -20.43
N PHE A 138 -10.28 3.05 -19.67
CA PHE A 138 -11.65 3.30 -20.10
C PHE A 138 -11.71 4.20 -21.31
N THR A 139 -10.86 5.21 -21.36
CA THR A 139 -10.89 6.17 -22.45
C THR A 139 -10.00 5.77 -23.63
N ASN A 140 -9.13 4.79 -23.41
CA ASN A 140 -8.11 4.39 -24.39
C ASN A 140 -7.22 5.57 -24.79
N LYS A 141 -6.88 6.39 -23.82
CA LYS A 141 -6.02 7.56 -24.01
C LYS A 141 -4.97 7.60 -22.92
N GLU A 142 -3.78 8.11 -23.24
CA GLU A 142 -2.65 7.99 -22.34
C GLU A 142 -2.33 9.23 -21.51
N LYS A 143 -2.64 10.42 -22.00
CA LYS A 143 -2.28 11.63 -21.26
C LYS A 143 -3.30 11.89 -20.16
N PHE A 144 -2.88 12.62 -19.12
CA PHE A 144 -3.80 13.12 -18.13
C PHE A 144 -3.25 14.44 -17.60
N ILE A 145 -4.09 15.20 -16.92
CA ILE A 145 -3.71 16.49 -16.36
C ILE A 145 -3.68 16.44 -14.83
N LYS A 146 -2.57 16.90 -14.26
CA LYS A 146 -2.37 17.05 -12.82
CA LYS A 146 -2.38 17.05 -12.82
C LYS A 146 -2.06 18.51 -12.54
N PHE A 147 -2.41 19.00 -11.35
CA PHE A 147 -2.12 20.39 -10.99
C PHE A 147 -0.88 20.53 -10.13
N GLU A 148 -0.12 21.59 -10.38
CA GLU A 148 1.05 21.89 -9.56
CA GLU A 148 1.06 21.88 -9.56
C GLU A 148 0.64 22.08 -8.11
N GLY A 149 1.28 21.36 -7.21
CA GLY A 149 0.95 21.47 -5.79
C GLY A 149 0.05 20.38 -5.28
N CYS A 150 -0.65 19.69 -6.19
CA CYS A 150 -1.43 18.52 -5.78
C CYS A 150 -0.54 17.30 -5.59
N TYR A 151 -0.96 16.42 -4.69
CA TYR A 151 -0.23 15.19 -4.40
C TYR A 151 -1.18 14.02 -4.50
N HIS A 152 -0.78 13.02 -5.29
CA HIS A 152 -1.61 11.84 -5.52
C HIS A 152 -0.83 10.56 -5.21
N GLY A 153 0.04 10.63 -4.21
CA GLY A 153 0.89 9.50 -3.89
C GLY A 153 2.13 9.48 -4.78
N HIS A 154 2.94 8.44 -4.65
CA HIS A 154 4.24 8.46 -5.30
C HIS A 154 4.40 7.58 -6.53
N ALA A 155 3.31 7.16 -7.16
CA ALA A 155 3.47 6.49 -8.46
C ALA A 155 4.21 7.42 -9.41
N ASN A 156 5.06 6.83 -10.25
CA ASN A 156 5.94 7.61 -11.13
C ASN A 156 5.24 8.69 -11.94
N ALA A 157 4.06 8.38 -12.49
CA ALA A 157 3.37 9.32 -13.37
C ALA A 157 3.06 10.64 -12.67
N PHE A 158 2.90 10.61 -11.35
CA PHE A 158 2.58 11.80 -10.59
C PHE A 158 3.80 12.61 -10.16
N LEU A 159 4.98 12.03 -10.25
CA LEU A 159 6.20 12.67 -9.74
C LEU A 159 6.80 13.55 -10.84
N VAL A 160 6.08 14.62 -11.16
CA VAL A 160 6.38 15.45 -12.30
CA VAL A 160 6.40 15.46 -12.30
C VAL A 160 6.94 16.80 -11.85
N LYS A 161 8.00 17.24 -12.51
CA LYS A 161 8.71 18.46 -12.13
C LYS A 161 7.87 19.70 -12.42
N ALA A 162 7.86 20.62 -11.45
CA ALA A 162 7.13 21.87 -11.58
C ALA A 162 7.47 22.58 -12.88
N GLY A 163 6.43 22.99 -13.59
CA GLY A 163 6.59 23.74 -14.83
C GLY A 163 6.65 22.88 -16.07
N SER A 164 7.04 21.61 -15.93
CA SER A 164 7.14 20.73 -17.09
C SER A 164 5.76 20.19 -17.44
N GLY A 165 5.62 19.58 -18.62
CA GLY A 165 4.33 19.05 -19.03
C GLY A 165 3.40 20.10 -19.58
N VAL A 166 3.97 21.22 -20.05
CA VAL A 166 3.21 22.30 -20.69
C VAL A 166 3.81 22.59 -22.07
N ALA A 167 5.04 23.12 -22.09
CA ALA A 167 5.76 23.39 -23.35
C ALA A 167 6.80 22.33 -23.65
N THR A 168 6.99 21.41 -22.70
CA THR A 168 7.92 20.30 -22.86
C THR A 168 7.28 19.10 -22.18
N LEU A 169 7.64 17.89 -22.60
CA LEU A 169 7.08 16.69 -21.99
C LEU A 169 7.35 16.70 -20.49
N GLY A 170 6.39 16.18 -19.73
CA GLY A 170 6.53 16.08 -18.28
C GLY A 170 7.84 15.44 -17.91
N LEU A 171 8.54 16.03 -16.94
CA LEU A 171 9.87 15.58 -16.53
C LEU A 171 9.86 15.02 -15.11
N PRO A 172 10.80 14.12 -14.82
CA PRO A 172 10.89 13.55 -13.47
C PRO A 172 11.16 14.61 -12.39
N ASP A 173 10.43 14.50 -11.27
CA ASP A 173 10.65 15.34 -10.10
C ASP A 173 11.56 14.67 -9.07
N SER A 174 11.99 13.46 -9.37
CA SER A 174 12.84 12.67 -8.47
C SER A 174 13.76 11.85 -9.33
N PRO A 175 15.00 11.63 -8.89
CA PRO A 175 15.81 10.60 -9.56
C PRO A 175 15.14 9.24 -9.42
N GLY A 176 15.42 8.36 -10.36
CA GLY A 176 14.84 7.02 -10.38
C GLY A 176 13.52 6.92 -11.11
N VAL A 177 12.98 8.07 -11.53
CA VAL A 177 11.77 8.13 -12.32
C VAL A 177 12.20 8.37 -13.76
N PRO A 178 12.04 7.39 -14.65
CA PRO A 178 12.51 7.61 -16.03
C PRO A 178 11.74 8.73 -16.72
N LYS A 179 12.40 9.42 -17.64
CA LYS A 179 11.74 10.47 -18.39
C LYS A 179 10.47 10.00 -19.08
N ALA A 180 10.49 8.77 -19.58
CA ALA A 180 9.34 8.25 -20.29
C ALA A 180 8.12 8.14 -19.37
N ALA A 181 8.35 7.89 -18.09
CA ALA A 181 7.24 7.67 -17.15
C ALA A 181 6.38 8.91 -16.91
N THR A 182 6.98 10.09 -17.01
CA THR A 182 6.26 11.33 -16.78
C THR A 182 5.87 12.00 -18.10
N SER A 183 6.24 11.38 -19.22
CA SER A 183 6.03 12.01 -20.52
C SER A 183 4.56 12.15 -20.89
N ASP A 184 3.69 11.35 -20.27
CA ASP A 184 2.26 11.42 -20.54
C ASP A 184 1.50 12.21 -19.46
N THR A 185 2.25 12.93 -18.64
CA THR A 185 1.66 13.77 -17.60
C THR A 185 1.69 15.22 -18.04
N LEU A 186 0.51 15.83 -18.12
CA LEU A 186 0.41 17.26 -18.44
C LEU A 186 0.13 17.99 -17.14
N THR A 187 0.59 19.23 -17.03
CA THR A 187 0.36 19.97 -15.80
C THR A 187 -0.20 21.35 -16.02
N ALA A 188 -0.84 21.88 -14.98
CA ALA A 188 -1.35 23.25 -14.98
C ALA A 188 -1.32 23.77 -13.56
N PRO A 189 -1.28 25.11 -13.40
CA PRO A 189 -1.43 25.65 -12.04
C PRO A 189 -2.82 25.40 -11.50
N TYR A 190 -2.93 25.08 -10.22
CA TYR A 190 -4.23 25.00 -9.57
C TYR A 190 -4.94 26.34 -9.73
N ASN A 191 -6.27 26.28 -9.84
CA ASN A 191 -7.09 27.48 -10.01
C ASN A 191 -6.87 28.25 -11.32
N ASP A 192 -6.28 27.57 -12.31
CA ASP A 192 -6.06 28.16 -13.62
C ASP A 192 -6.84 27.39 -14.68
N LEU A 193 -8.07 27.80 -14.92
CA LEU A 193 -8.94 27.09 -15.84
C LEU A 193 -8.47 27.35 -17.27
N GLU A 194 -7.98 28.55 -17.54
CA GLU A 194 -7.54 28.90 -18.88
C GLU A 194 -6.39 27.99 -19.34
N ALA A 195 -5.49 27.67 -18.42
CA ALA A 195 -4.38 26.77 -18.74
C ALA A 195 -4.90 25.37 -19.10
N VAL A 196 -5.94 24.93 -18.42
CA VAL A 196 -6.54 23.63 -18.70
C VAL A 196 -7.23 23.64 -20.06
N GLU A 197 -7.96 24.71 -20.36
CA GLU A 197 -8.58 24.87 -21.68
C GLU A 197 -7.53 24.79 -22.80
N LYS A 198 -6.37 25.40 -22.56
CA LYS A 198 -5.30 25.38 -23.55
C LYS A 198 -4.77 23.95 -23.74
N LEU A 199 -4.60 23.22 -22.65
CA LEU A 199 -4.15 21.83 -22.75
C LEU A 199 -5.16 20.99 -23.54
N PHE A 200 -6.45 21.17 -23.25
CA PHE A 200 -7.48 20.42 -23.96
C PHE A 200 -7.42 20.67 -25.47
N ALA A 201 -7.29 21.94 -25.86
CA ALA A 201 -7.29 22.28 -27.28
C ALA A 201 -6.05 21.76 -28.00
N ALA A 202 -4.94 21.65 -27.26
CA ALA A 202 -3.64 21.26 -27.83
C ALA A 202 -3.47 19.74 -27.90
N HIS A 203 -4.30 18.99 -27.19
CA HIS A 203 -4.10 17.55 -27.06
C HIS A 203 -5.38 16.79 -27.36
N LYS A 204 -6.09 17.20 -28.39
CA LYS A 204 -7.34 16.54 -28.74
C LYS A 204 -7.14 15.06 -29.05
N GLY A 205 -8.00 14.23 -28.46
CA GLY A 205 -7.94 12.80 -28.66
C GLY A 205 -6.90 12.09 -27.82
N GLU A 206 -6.23 12.83 -26.93
CA GLU A 206 -5.12 12.25 -26.16
C GLU A 206 -5.30 12.26 -24.65
N ILE A 207 -6.30 13.00 -24.14
CA ILE A 207 -6.45 13.19 -22.70
C ILE A 207 -7.51 12.28 -22.11
N SER A 208 -7.09 11.43 -21.19
CA SER A 208 -7.99 10.53 -20.49
C SER A 208 -8.77 11.22 -19.37
N ALA A 209 -8.10 12.06 -18.60
CA ALA A 209 -8.65 12.53 -17.34
C ALA A 209 -7.96 13.78 -16.85
N VAL A 210 -8.70 14.53 -16.03
CA VAL A 210 -8.15 15.54 -15.16
C VAL A 210 -8.29 15.02 -13.73
N ILE A 211 -7.19 14.99 -12.98
CA ILE A 211 -7.24 14.61 -11.58
C ILE A 211 -6.87 15.83 -10.72
N LEU A 212 -7.53 15.97 -9.57
CA LEU A 212 -7.18 17.03 -8.64
C LEU A 212 -7.60 16.69 -7.22
N GLU A 213 -6.89 17.26 -6.27
CA GLU A 213 -7.42 17.40 -4.91
C GLU A 213 -8.49 18.49 -4.99
N PRO A 214 -9.75 18.16 -4.68
CA PRO A 214 -10.80 19.17 -4.86
C PRO A 214 -10.66 20.35 -3.89
N VAL A 215 -9.94 20.12 -2.80
CA VAL A 215 -9.34 21.17 -1.98
C VAL A 215 -7.92 20.70 -1.72
N VAL A 216 -6.93 21.52 -2.04
CA VAL A 216 -5.54 21.14 -1.84
C VAL A 216 -5.21 21.13 -0.36
N GLY A 217 -4.56 20.07 0.09
CA GLY A 217 -4.06 20.01 1.46
C GLY A 217 -2.57 19.70 1.53
N ASN A 218 -1.96 19.42 0.37
CA ASN A 218 -0.55 19.02 0.32
C ASN A 218 0.39 20.14 -0.14
N SER A 219 -0.14 21.36 -0.21
CA SER A 219 0.68 22.55 -0.43
CA SER A 219 0.70 22.54 -0.42
C SER A 219 0.19 23.62 0.52
N GLY A 220 -0.18 23.20 1.71
CA GLY A 220 -0.97 24.02 2.59
C GLY A 220 -2.42 23.88 2.13
N PHE A 221 -3.32 24.62 2.75
CA PHE A 221 -4.74 24.58 2.46
C PHE A 221 -5.05 25.55 1.34
N ILE A 222 -5.48 25.04 0.18
CA ILE A 222 -5.81 25.89 -0.96
C ILE A 222 -7.13 25.44 -1.58
N PRO A 223 -8.20 26.19 -1.36
CA PRO A 223 -9.49 25.82 -1.93
C PRO A 223 -9.58 26.28 -3.37
N PRO A 224 -10.46 25.64 -4.15
CA PRO A 224 -10.69 26.05 -5.53
C PRO A 224 -11.61 27.27 -5.59
N THR A 225 -11.44 28.10 -6.60
CA THR A 225 -12.44 29.12 -6.87
C THR A 225 -13.65 28.43 -7.49
N PRO A 226 -14.84 29.03 -7.34
CA PRO A 226 -16.04 28.48 -8.00
C PRO A 226 -15.83 28.32 -9.51
N GLU A 227 -15.23 29.33 -10.12
CA GLU A 227 -15.00 29.31 -11.56
C GLU A 227 -14.13 28.12 -11.99
N PHE A 228 -13.08 27.85 -11.23
CA PHE A 228 -12.17 26.77 -11.55
C PHE A 228 -12.85 25.41 -11.45
N ILE A 229 -13.46 25.10 -10.31
CA ILE A 229 -13.97 23.75 -10.12
C ILE A 229 -15.24 23.49 -10.93
N ASN A 230 -16.12 24.49 -11.01
CA ASN A 230 -17.28 24.38 -11.90
C ASN A 230 -16.82 24.24 -13.33
N GLY A 231 -15.82 25.03 -13.69
CA GLY A 231 -15.27 25.02 -15.03
C GLY A 231 -14.73 23.65 -15.40
N LEU A 232 -14.00 23.03 -14.47
CA LEU A 232 -13.43 21.72 -14.77
C LEU A 232 -14.51 20.70 -15.04
N ARG A 233 -15.61 20.74 -14.28
CA ARG A 233 -16.65 19.74 -14.48
C ARG A 233 -17.31 19.92 -15.86
N GLN A 234 -17.55 21.15 -16.28
CA GLN A 234 -18.18 21.35 -17.58
C GLN A 234 -17.23 21.05 -18.74
N LEU A 235 -15.98 21.49 -18.59
CA LEU A 235 -14.96 21.30 -19.62
C LEU A 235 -14.69 19.83 -19.88
N THR A 236 -14.55 19.06 -18.81
CA THR A 236 -14.32 17.61 -18.96
C THR A 236 -15.51 16.95 -19.67
N LYS A 237 -16.73 17.27 -19.22
CA LYS A 237 -17.93 16.73 -19.84
C LYS A 237 -18.00 17.04 -21.33
N ASP A 238 -17.69 18.29 -21.68
CA ASP A 238 -17.81 18.73 -23.07
C ASP A 238 -16.83 18.02 -23.99
N ASN A 239 -15.79 17.42 -23.41
CA ASN A 239 -14.72 16.87 -24.22
C ASN A 239 -14.50 15.37 -24.03
N GLY A 240 -15.42 14.73 -23.32
CA GLY A 240 -15.33 13.29 -23.10
C GLY A 240 -14.17 12.89 -22.21
N VAL A 241 -13.73 13.81 -21.36
CA VAL A 241 -12.60 13.58 -20.47
C VAL A 241 -13.14 13.26 -19.07
N LEU A 242 -12.54 12.30 -18.38
CA LEU A 242 -13.00 11.95 -17.04
C LEU A 242 -12.51 12.96 -16.02
N LEU A 243 -13.37 13.27 -15.06
CA LEU A 243 -12.97 14.10 -13.93
C LEU A 243 -12.76 13.19 -12.73
N ILE A 244 -11.55 13.23 -12.16
CA ILE A 244 -11.23 12.40 -11.01
C ILE A 244 -10.98 13.29 -9.81
N PHE A 245 -11.72 13.07 -8.74
CA PHE A 245 -11.42 13.76 -7.48
C PHE A 245 -10.56 12.85 -6.62
N ASP A 246 -9.38 13.31 -6.26
CA ASP A 246 -8.58 12.63 -5.25
C ASP A 246 -9.09 13.10 -3.90
N GLU A 247 -9.93 12.27 -3.27
CA GLU A 247 -10.53 12.60 -1.98
C GLU A 247 -9.89 11.79 -0.86
N VAL A 248 -8.62 11.42 -1.01
CA VAL A 248 -7.95 10.70 0.05
C VAL A 248 -7.96 11.51 1.36
N MET A 249 -7.79 12.82 1.24
CA MET A 249 -7.78 13.70 2.41
CA MET A 249 -7.77 13.71 2.39
C MET A 249 -9.14 14.37 2.65
N THR A 250 -9.83 14.77 1.59
CA THR A 250 -11.09 15.49 1.75
C THR A 250 -12.28 14.57 2.03
N GLY A 251 -12.17 13.32 1.57
CA GLY A 251 -13.24 12.36 1.73
C GLY A 251 -13.59 12.15 3.19
N PHE A 252 -14.90 12.21 3.47
CA PHE A 252 -15.42 12.04 4.84
C PHE A 252 -15.02 13.17 5.80
N ARG A 253 -14.33 14.19 5.28
CA ARG A 253 -13.83 15.25 6.14
C ARG A 253 -14.51 16.59 5.87
N LEU A 254 -14.71 16.91 4.59
CA LEU A 254 -15.41 18.17 4.27
C LEU A 254 -16.92 18.05 4.40
N ALA A 255 -17.41 16.81 4.30
CA ALA A 255 -18.81 16.45 4.39
C ALA A 255 -18.81 14.92 4.39
N TYR A 256 -19.95 14.30 4.68
CA TYR A 256 -19.97 12.83 4.70
C TYR A 256 -19.58 12.27 3.33
N GLY A 257 -20.04 12.93 2.27
CA GLY A 257 -19.66 12.57 0.91
C GLY A 257 -18.50 13.39 0.37
N GLY A 258 -17.71 13.99 1.25
CA GLY A 258 -16.48 14.64 0.85
C GLY A 258 -16.68 15.98 0.15
N ALA A 259 -15.64 16.41 -0.56
CA ALA A 259 -15.68 17.66 -1.29
C ALA A 259 -16.77 17.65 -2.36
N GLN A 260 -17.00 16.49 -2.98
CA GLN A 260 -18.01 16.44 -4.02
C GLN A 260 -19.40 16.75 -3.47
N GLU A 261 -19.70 16.30 -2.26
CA GLU A 261 -20.94 16.71 -1.60
C GLU A 261 -20.89 18.20 -1.21
N TYR A 262 -19.78 18.62 -0.59
CA TYR A 262 -19.67 19.99 -0.10
C TYR A 262 -19.89 21.01 -1.21
N PHE A 263 -19.23 20.78 -2.35
CA PHE A 263 -19.33 21.69 -3.50
C PHE A 263 -20.51 21.40 -4.42
N GLY A 264 -21.11 20.23 -4.28
CA GLY A 264 -22.17 19.83 -5.19
C GLY A 264 -21.64 19.69 -6.61
N ILE A 265 -20.50 19.02 -6.75
CA ILE A 265 -19.90 18.75 -8.05
C ILE A 265 -19.53 17.29 -8.07
N THR A 266 -20.14 16.52 -8.97
CA THR A 266 -19.98 15.07 -8.96
C THR A 266 -18.99 14.63 -10.04
N PRO A 267 -17.85 14.06 -9.61
CA PRO A 267 -16.85 13.61 -10.57
C PRO A 267 -17.23 12.25 -11.16
N ASP A 268 -16.42 11.75 -12.09
CA ASP A 268 -16.64 10.43 -12.68
C ASP A 268 -16.02 9.31 -11.85
N LEU A 269 -14.88 9.62 -11.22
CA LEU A 269 -14.14 8.67 -10.40
C LEU A 269 -13.64 9.41 -9.17
N THR A 270 -13.49 8.67 -8.07
CA THR A 270 -13.01 9.20 -6.80
C THR A 270 -12.03 8.23 -6.16
N THR A 271 -10.98 8.77 -5.54
CA THR A 271 -10.15 7.98 -4.65
C THR A 271 -10.42 8.37 -3.21
N LEU A 272 -10.27 7.39 -2.34
CA LEU A 272 -10.44 7.57 -0.91
C LEU A 272 -9.28 6.93 -0.18
N GLY A 273 -9.13 7.34 1.07
CA GLY A 273 -8.14 6.72 1.92
C GLY A 273 -8.36 7.26 3.31
N LYS A 274 -7.43 6.91 4.20
N LYS A 274 -7.44 6.89 4.21
N LYS A 274 -7.38 6.98 4.16
CA LYS A 274 -7.26 7.59 5.47
CA LYS A 274 -7.28 7.60 5.47
CA LYS A 274 -7.24 7.67 5.44
C LYS A 274 -8.49 7.41 6.36
C LYS A 274 -8.49 7.39 6.37
C LYS A 274 -8.46 7.43 6.33
N ILE A 275 -9.40 8.37 6.38
CA ILE A 275 -10.61 8.15 7.19
C ILE A 275 -11.28 6.79 6.92
N ILE A 276 -11.26 6.33 5.68
CA ILE A 276 -11.96 5.09 5.38
CA ILE A 276 -11.91 5.08 5.30
C ILE A 276 -11.31 3.85 5.99
N GLY A 277 -10.09 3.98 6.50
CA GLY A 277 -9.45 2.89 7.21
C GLY A 277 -9.50 3.00 8.71
N GLY A 278 -10.04 4.11 9.19
CA GLY A 278 -10.21 4.32 10.61
C GLY A 278 -8.96 4.19 11.44
N GLY A 279 -7.78 4.42 10.84
CA GLY A 279 -6.53 4.30 11.55
C GLY A 279 -5.71 3.08 11.16
N LEU A 280 -6.19 2.33 10.17
CA LEU A 280 -5.47 1.21 9.57
C LEU A 280 -5.20 1.52 8.10
N PRO A 281 -4.22 0.84 7.48
CA PRO A 281 -3.90 1.15 6.09
C PRO A 281 -4.99 0.71 5.13
N VAL A 282 -5.33 1.66 4.28
N VAL A 282 -5.74 1.67 4.55
CA VAL A 282 -6.48 1.50 3.44
CA VAL A 282 -6.82 1.39 3.56
C VAL A 282 -6.35 2.48 2.29
C VAL A 282 -6.96 2.53 2.55
N GLY A 283 -7.13 2.19 1.26
CA GLY A 283 -7.44 3.15 0.23
C GLY A 283 -8.59 2.57 -0.57
N ALA A 284 -9.13 3.36 -1.49
CA ALA A 284 -10.15 2.83 -2.40
C ALA A 284 -10.23 3.70 -3.63
N TYR A 285 -10.66 3.10 -4.73
CA TYR A 285 -11.07 3.92 -5.87
C TYR A 285 -12.43 3.42 -6.35
N GLY A 286 -13.27 4.34 -6.78
CA GLY A 286 -14.60 3.99 -7.18
C GLY A 286 -15.19 5.05 -8.09
N GLY A 287 -16.38 4.79 -8.60
CA GLY A 287 -17.00 5.74 -9.49
C GLY A 287 -18.13 5.11 -10.26
N ARG A 288 -18.39 5.64 -11.45
CA ARG A 288 -19.49 5.16 -12.27
C ARG A 288 -19.31 3.68 -12.57
N ARG A 289 -20.41 2.93 -12.50
CA ARG A 289 -20.34 1.48 -12.64
C ARG A 289 -19.76 1.05 -13.96
N ASP A 290 -20.13 1.72 -15.05
CA ASP A 290 -19.65 1.30 -16.36
C ASP A 290 -18.13 1.42 -16.48
N ILE A 291 -17.55 2.39 -15.77
CA ILE A 291 -16.11 2.52 -15.75
C ILE A 291 -15.48 1.43 -14.88
N MET A 292 -16.04 1.24 -13.68
CA MET A 292 -15.48 0.28 -12.71
C MET A 292 -15.52 -1.16 -13.22
N GLU A 293 -16.44 -1.46 -14.12
CA GLU A 293 -16.53 -2.81 -14.69
C GLU A 293 -15.32 -3.18 -15.56
N MET A 294 -14.44 -2.22 -15.83
CA MET A 294 -13.21 -2.54 -16.54
CA MET A 294 -13.18 -2.46 -16.53
C MET A 294 -12.12 -3.11 -15.64
N VAL A 295 -12.31 -3.01 -14.33
CA VAL A 295 -11.30 -3.47 -13.37
C VAL A 295 -11.31 -4.99 -13.25
N ALA A 296 -10.12 -5.60 -13.34
CA ALA A 296 -10.02 -7.06 -13.17
C ALA A 296 -10.55 -7.46 -11.79
N PRO A 297 -11.29 -8.58 -11.73
CA PRO A 297 -11.52 -9.57 -12.77
C PRO A 297 -12.80 -9.34 -13.59
N ALA A 298 -13.51 -8.22 -13.40
CA ALA A 298 -14.68 -7.92 -14.23
C ALA A 298 -14.25 -7.54 -15.64
N GLY A 299 -13.12 -6.85 -15.73
CA GLY A 299 -12.62 -6.38 -17.01
C GLY A 299 -11.12 -6.57 -17.12
N PRO A 300 -10.51 -5.99 -18.16
CA PRO A 300 -9.11 -6.27 -18.48
C PRO A 300 -8.05 -5.43 -17.76
N MET A 301 -8.45 -4.39 -17.05
CA MET A 301 -7.46 -3.54 -16.39
CA MET A 301 -7.49 -3.51 -16.37
C MET A 301 -6.93 -4.20 -15.12
N TYR A 302 -5.61 -4.38 -15.07
CA TYR A 302 -5.03 -5.12 -13.96
C TYR A 302 -4.69 -4.29 -12.73
N GLN A 303 -5.21 -4.72 -11.59
CA GLN A 303 -4.82 -4.19 -10.29
C GLN A 303 -5.15 -5.27 -9.26
N ALA A 304 -4.27 -5.48 -8.27
CA ALA A 304 -4.41 -6.55 -7.29
C ALA A 304 -3.83 -6.11 -5.96
N GLY A 305 -4.14 -6.85 -4.89
CA GLY A 305 -3.54 -6.56 -3.60
C GLY A 305 -3.83 -7.67 -2.61
N THR A 306 -2.82 -8.10 -1.86
CA THR A 306 -2.94 -9.22 -0.93
C THR A 306 -3.75 -8.89 0.31
N LEU A 307 -3.44 -7.77 0.94
CA LEU A 307 -4.09 -7.38 2.20
C LEU A 307 -5.34 -6.58 1.97
N SER A 308 -5.67 -6.32 0.70
CA SER A 308 -6.82 -5.49 0.39
C SER A 308 -8.09 -6.08 0.97
N GLY A 309 -8.93 -5.23 1.56
CA GLY A 309 -10.19 -5.68 2.12
C GLY A 309 -10.03 -6.51 3.37
N ASN A 310 -8.90 -6.40 4.06
CA ASN A 310 -8.73 -7.22 5.24
C ASN A 310 -9.73 -6.82 6.31
N PRO A 311 -10.15 -7.79 7.13
CA PRO A 311 -11.27 -7.53 8.04
C PRO A 311 -10.99 -6.50 9.14
N LEU A 312 -9.74 -6.35 9.58
CA LEU A 312 -9.43 -5.35 10.59
CA LEU A 312 -9.42 -5.34 10.59
C LEU A 312 -9.67 -3.95 10.04
N ALA A 313 -9.13 -3.70 8.86
CA ALA A 313 -9.26 -2.41 8.23
C ALA A 313 -10.74 -2.14 7.86
N MET A 314 -11.45 -3.15 7.38
CA MET A 314 -12.86 -2.96 7.07
C MET A 314 -13.65 -2.58 8.33
N THR A 315 -13.39 -3.29 9.42
CA THR A 315 -14.08 -3.01 10.69
C THR A 315 -13.82 -1.58 11.15
N ALA A 316 -12.56 -1.16 11.12
CA ALA A 316 -12.23 0.18 11.57
C ALA A 316 -12.94 1.24 10.73
N GLY A 317 -12.95 1.06 9.41
CA GLY A 317 -13.67 1.96 8.53
C GLY A 317 -15.17 2.00 8.77
N ILE A 318 -15.76 0.82 8.93
CA ILE A 318 -17.19 0.71 9.15
C ILE A 318 -17.61 1.51 10.39
N HIS A 319 -16.89 1.31 11.49
CA HIS A 319 -17.29 1.95 12.73
C HIS A 319 -16.97 3.44 12.75
N THR A 320 -15.97 3.86 11.99
CA THR A 320 -15.67 5.27 11.85
C THR A 320 -16.77 5.96 11.05
N LEU A 321 -17.16 5.39 9.92
CA LEU A 321 -18.24 5.95 9.13
C LEU A 321 -19.56 5.98 9.90
N LYS A 322 -19.82 4.92 10.68
CA LYS A 322 -21.04 4.86 11.49
C LYS A 322 -21.13 6.08 12.40
N ARG A 323 -20.02 6.45 13.01
CA ARG A 323 -20.00 7.60 13.91
C ARG A 323 -20.20 8.91 13.14
N LEU A 324 -19.55 9.05 12.00
CA LEU A 324 -19.68 10.25 11.18
C LEU A 324 -21.09 10.48 10.67
N LYS A 325 -21.84 9.39 10.49
CA LYS A 325 -23.18 9.47 9.91
C LYS A 325 -24.19 10.08 10.88
N GLN A 326 -23.83 10.13 12.16
CA GLN A 326 -24.70 10.72 13.19
C GLN A 326 -24.95 12.19 12.91
N ALA A 327 -26.12 12.68 13.32
CA ALA A 327 -26.47 14.08 13.10
C ALA A 327 -25.48 15.02 13.77
N GLY A 328 -25.19 16.13 13.12
CA GLY A 328 -24.43 17.21 13.73
C GLY A 328 -22.93 17.17 13.51
N THR A 329 -22.43 16.11 12.86
CA THR A 329 -20.99 15.92 12.70
C THR A 329 -20.29 17.10 12.03
N TYR A 330 -20.73 17.45 10.83
CA TYR A 330 -19.98 18.42 10.04
C TYR A 330 -20.29 19.84 10.48
N GLU A 331 -21.48 20.05 11.05
CA GLU A 331 -21.79 21.34 11.66
C GLU A 331 -20.86 21.60 12.84
N TYR A 332 -20.60 20.55 13.63
CA TYR A 332 -19.70 20.69 14.77
C TYR A 332 -18.26 21.02 14.30
N LEU A 333 -17.77 20.25 13.34
CA LEU A 333 -16.44 20.50 12.79
C LEU A 333 -16.34 21.92 12.24
N ASP A 334 -17.38 22.37 11.54
CA ASP A 334 -17.37 23.74 11.03
C ASP A 334 -17.26 24.76 12.17
N LYS A 335 -18.03 24.56 13.23
CA LYS A 335 -18.05 25.52 14.33
C LYS A 335 -16.67 25.66 14.99
N ILE A 336 -16.06 24.53 15.36
CA ILE A 336 -14.81 24.61 16.07
C ILE A 336 -13.66 25.04 15.14
N THR A 337 -13.72 24.65 13.88
CA THR A 337 -12.61 24.92 12.97
C THR A 337 -12.62 26.37 12.47
N LYS A 338 -13.82 26.92 12.28
CA LYS A 338 -13.94 28.34 11.99
C LYS A 338 -13.34 29.18 13.13
N GLU A 339 -13.69 28.82 14.36
CA GLU A 339 -13.19 29.53 15.53
C GLU A 339 -11.68 29.42 15.63
N LEU A 340 -11.14 28.22 15.44
CA LEU A 340 -9.70 28.00 15.45
C LEU A 340 -8.98 28.83 14.39
N THR A 341 -9.43 28.72 13.15
CA THR A 341 -8.75 29.34 12.02
C THR A 341 -8.78 30.85 12.15
N ASN A 342 -9.97 31.40 12.40
CA ASN A 342 -10.06 32.84 12.54
C ASN A 342 -9.35 33.35 13.79
N GLY A 343 -9.32 32.53 14.85
CA GLY A 343 -8.62 32.91 16.06
C GLY A 343 -7.12 33.04 15.84
N ILE A 344 -6.55 32.10 15.08
CA ILE A 344 -5.13 32.16 14.76
C ILE A 344 -4.84 33.35 13.84
N LEU A 345 -5.66 33.54 12.82
CA LEU A 345 -5.43 34.65 11.90
C LEU A 345 -5.57 36.01 12.61
N GLU A 346 -6.55 36.12 13.50
CA GLU A 346 -6.70 37.36 14.29
C GLU A 346 -5.51 37.59 15.21
N ALA A 347 -4.99 36.51 15.79
CA ALA A 347 -3.80 36.61 16.62
C ALA A 347 -2.60 37.11 15.81
N GLY A 348 -2.46 36.60 14.58
CA GLY A 348 -1.43 37.10 13.68
C GLY A 348 -1.56 38.58 13.41
N LYS A 349 -2.78 39.01 13.10
CA LYS A 349 -3.01 40.43 12.84
C LYS A 349 -2.65 41.30 14.03
N LYS A 350 -3.07 40.87 15.23
CA LYS A 350 -2.83 41.64 16.44
C LYS A 350 -1.33 41.77 16.73
N THR A 351 -0.56 40.76 16.36
CA THR A 351 0.86 40.71 16.71
C THR A 351 1.76 41.15 15.55
N GLY A 352 1.15 41.65 14.47
CA GLY A 352 1.90 42.23 13.37
C GLY A 352 2.49 41.27 12.37
N HIS A 353 1.94 40.06 12.28
CA HIS A 353 2.42 39.07 11.31
C HIS A 353 1.44 38.90 10.16
N PRO A 354 1.90 39.18 8.93
CA PRO A 354 1.06 38.85 7.77
C PRO A 354 0.71 37.38 7.72
N MET A 355 -0.58 37.08 7.68
CA MET A 355 -1.05 35.70 7.59
C MET A 355 -2.29 35.63 6.72
N CYS A 356 -2.54 34.46 6.18
CA CYS A 356 -3.79 34.20 5.50
C CYS A 356 -4.12 32.73 5.68
N GLY A 357 -5.37 32.36 5.45
CA GLY A 357 -5.74 30.98 5.64
C GLY A 357 -7.21 30.76 5.42
N GLY A 358 -7.67 29.58 5.77
CA GLY A 358 -9.06 29.23 5.54
C GLY A 358 -9.36 27.87 6.08
N TYR A 359 -10.62 27.46 5.95
CA TYR A 359 -11.03 26.16 6.44
C TYR A 359 -12.31 25.74 5.71
N ILE A 360 -12.56 24.44 5.67
CA ILE A 360 -13.87 23.89 5.36
C ILE A 360 -14.04 22.71 6.29
N SER A 361 -15.12 22.72 7.07
CA SER A 361 -15.41 21.64 8.02
CA SER A 361 -15.41 21.62 7.97
C SER A 361 -14.18 21.28 8.84
N GLY A 362 -13.74 20.02 8.80
CA GLY A 362 -12.60 19.59 9.60
C GLY A 362 -11.19 19.76 9.00
N MET A 363 -11.07 20.61 7.99
CA MET A 363 -9.78 20.82 7.32
C MET A 363 -9.47 22.31 7.27
N PHE A 364 -8.23 22.68 7.60
CA PHE A 364 -7.85 24.09 7.65
C PHE A 364 -6.39 24.31 7.30
N GLY A 365 -6.00 25.56 7.14
CA GLY A 365 -4.59 25.87 7.07
C GLY A 365 -4.37 27.36 7.23
N PHE A 366 -3.14 27.72 7.58
CA PHE A 366 -2.74 29.11 7.60
C PHE A 366 -1.33 29.22 7.03
N PHE A 367 -1.05 30.34 6.39
CA PHE A 367 0.24 30.63 5.79
C PHE A 367 0.80 31.90 6.40
N PHE A 368 2.11 31.93 6.62
CA PHE A 368 2.78 33.16 6.96
C PHE A 368 3.11 33.92 5.67
N ALA A 369 2.06 34.51 5.12
CA ALA A 369 2.12 35.25 3.88
C ALA A 369 0.91 36.17 3.84
N GLU A 370 1.04 37.29 3.14
CA GLU A 370 -0.10 38.19 2.99
C GLU A 370 -1.21 37.52 2.19
N GLY A 371 -0.84 36.84 1.11
CA GLY A 371 -1.82 36.17 0.28
C GLY A 371 -2.70 37.14 -0.49
N PRO A 372 -3.86 36.68 -0.96
CA PRO A 372 -4.41 35.31 -0.81
C PRO A 372 -3.58 34.28 -1.57
N VAL A 373 -3.69 33.03 -1.14
CA VAL A 373 -3.02 31.93 -1.80
C VAL A 373 -4.01 31.16 -2.66
N TYR A 374 -3.77 31.17 -3.97
CA TYR A 374 -4.64 30.49 -4.93
C TYR A 374 -3.98 29.28 -5.59
N ASN A 375 -2.67 29.14 -5.42
CA ASN A 375 -1.95 28.09 -6.13
C ASN A 375 -0.61 27.81 -5.46
N PHE A 376 0.11 26.84 -6.00
CA PHE A 376 1.40 26.43 -5.47
C PHE A 376 2.41 27.58 -5.41
N ALA A 377 2.53 28.33 -6.51
CA ALA A 377 3.45 29.47 -6.55
C ALA A 377 3.16 30.47 -5.43
N ASP A 378 1.89 30.78 -5.20
CA ASP A 378 1.50 31.69 -4.14
C ASP A 378 1.92 31.13 -2.78
N SER A 379 1.70 29.84 -2.56
CA SER A 379 2.01 29.23 -1.27
C SER A 379 3.50 29.33 -0.96
N LYS A 380 4.32 29.30 -2.01
CA LYS A 380 5.77 29.33 -1.83
C LYS A 380 6.31 30.71 -1.45
N LYS A 381 5.44 31.71 -1.40
CA LYS A 381 5.81 33.02 -0.87
C LYS A 381 5.78 33.04 0.67
N SER A 382 5.34 31.94 1.26
CA SER A 382 5.25 31.84 2.72
C SER A 382 6.61 31.96 3.39
N ASP A 383 6.63 32.61 4.54
CA ASP A 383 7.84 32.72 5.34
C ASP A 383 8.01 31.44 6.16
N THR A 384 8.75 30.49 5.60
CA THR A 384 8.93 29.19 6.24
C THR A 384 9.83 29.26 7.46
N GLU A 385 10.72 30.25 7.52
CA GLU A 385 11.53 30.44 8.73
C GLU A 385 10.60 30.83 9.87
N LYS A 386 9.68 31.75 9.61
CA LYS A 386 8.73 32.15 10.62
C LYS A 386 7.82 30.99 11.00
N PHE A 387 7.38 30.21 10.01
CA PHE A 387 6.57 29.04 10.32
C PHE A 387 7.28 28.12 11.30
N GLY A 388 8.57 27.87 11.06
CA GLY A 388 9.35 27.02 11.95
C GLY A 388 9.38 27.53 13.37
N ARG A 389 9.57 28.84 13.54
CA ARG A 389 9.57 29.46 14.86
C ARG A 389 8.21 29.27 15.54
N PHE A 390 7.14 29.46 14.77
CA PHE A 390 5.79 29.29 15.31
C PHE A 390 5.55 27.85 15.72
N PHE A 391 5.91 26.92 14.84
CA PHE A 391 5.74 25.50 15.11
C PHE A 391 6.47 25.07 16.39
N ARG A 392 7.74 25.43 16.50
CA ARG A 392 8.53 25.03 17.66
C ARG A 392 8.01 25.68 18.94
N GLY A 393 7.59 26.95 18.85
CA GLY A 393 7.04 27.63 20.00
C GLY A 393 5.75 26.98 20.47
N MET A 394 4.92 26.56 19.51
CA MET A 394 3.66 25.93 19.85
C MET A 394 3.86 24.56 20.50
N LEU A 395 4.86 23.81 20.08
CA LEU A 395 5.19 22.54 20.75
C LEU A 395 5.36 22.75 22.23
N GLU A 396 6.11 23.80 22.58
CA GLU A 396 6.37 24.07 23.99
C GLU A 396 5.14 24.53 24.76
N GLU A 397 4.15 25.03 24.04
CA GLU A 397 2.87 25.39 24.63
C GLU A 397 1.90 24.21 24.66
N GLY A 398 2.34 23.05 24.21
CA GLY A 398 1.47 21.89 24.18
C GLY A 398 0.51 21.81 23.01
N VAL A 399 0.93 22.33 21.85
CA VAL A 399 0.12 22.23 20.64
C VAL A 399 0.99 21.69 19.52
N TYR A 400 0.47 20.68 18.82
CA TYR A 400 1.20 20.00 17.75
C TYR A 400 0.50 20.22 16.41
N PHE A 401 1.04 21.15 15.61
CA PHE A 401 0.59 21.35 14.24
C PHE A 401 1.40 20.46 13.29
N ALA A 402 0.99 20.38 12.03
CA ALA A 402 1.79 19.68 11.06
C ALA A 402 3.17 20.31 10.99
N PRO A 403 4.21 19.48 10.97
CA PRO A 403 5.59 19.97 10.91
C PRO A 403 5.98 20.41 9.51
N SER A 404 5.18 21.30 8.92
CA SER A 404 5.46 21.83 7.59
C SER A 404 4.49 22.95 7.36
N GLN A 405 4.94 23.96 6.62
CA GLN A 405 4.07 25.05 6.18
C GLN A 405 3.19 24.55 5.04
N PHE A 406 3.59 23.45 4.42
CA PHE A 406 2.93 22.98 3.21
C PHE A 406 2.04 21.76 3.43
N GLU A 407 1.42 21.71 4.61
CA GLU A 407 0.45 20.68 4.93
C GLU A 407 -0.75 21.34 5.58
N ALA A 408 -1.94 20.86 5.25
CA ALA A 408 -3.14 21.33 5.93
C ALA A 408 -3.19 20.76 7.34
N GLY A 409 -4.01 21.39 8.18
CA GLY A 409 -4.30 20.90 9.52
C GLY A 409 -5.67 20.27 9.62
N PHE A 410 -5.89 19.52 10.68
CA PHE A 410 -7.08 18.69 10.82
C PHE A 410 -7.67 18.80 12.21
N THR A 411 -8.99 18.93 12.26
CA THR A 411 -9.70 18.84 13.53
C THR A 411 -10.52 17.55 13.57
N SER A 412 -11.08 17.24 14.73
CA SER A 412 -11.79 15.99 14.93
C SER A 412 -12.99 16.21 15.84
N LEU A 413 -13.85 15.20 15.92
CA LEU A 413 -15.00 15.29 16.81
C LEU A 413 -14.59 15.29 18.28
N ALA A 414 -13.35 14.87 18.55
CA ALA A 414 -12.82 14.91 19.91
C ALA A 414 -12.17 16.24 20.28
N HIS A 415 -11.98 17.13 19.32
CA HIS A 415 -11.53 18.48 19.64
C HIS A 415 -12.72 19.21 20.21
N THR A 416 -12.50 19.94 21.29
CA THR A 416 -13.56 20.61 22.02
C THR A 416 -13.37 22.11 21.99
N PRO A 417 -14.42 22.87 22.31
CA PRO A 417 -14.24 24.31 22.48
C PRO A 417 -13.13 24.64 23.48
N GLU A 418 -12.94 23.81 24.51
CA GLU A 418 -11.82 24.03 25.43
C GLU A 418 -10.47 23.94 24.69
N ASP A 419 -10.30 22.89 23.91
CA ASP A 419 -9.07 22.72 23.12
C ASP A 419 -8.83 23.94 22.24
N ILE A 420 -9.89 24.42 21.60
CA ILE A 420 -9.75 25.56 20.69
C ILE A 420 -9.36 26.83 21.45
N GLN A 421 -10.04 27.09 22.57
CA GLN A 421 -9.72 28.25 23.39
C GLN A 421 -8.25 28.24 23.83
N LEU A 422 -7.80 27.09 24.32
CA LEU A 422 -6.42 26.95 24.78
C LEU A 422 -5.42 27.13 23.64
N THR A 423 -5.79 26.63 22.46
CA THR A 423 -4.91 26.69 21.31
C THR A 423 -4.74 28.12 20.80
N ILE A 424 -5.84 28.87 20.74
CA ILE A 424 -5.76 30.25 20.30
C ILE A 424 -4.93 31.07 21.28
N ALA A 425 -5.12 30.84 22.58
CA ALA A 425 -4.36 31.58 23.59
C ALA A 425 -2.86 31.29 23.46
N ALA A 426 -2.53 30.03 23.25
CA ALA A 426 -1.14 29.63 23.02
C ALA A 426 -0.58 30.32 21.76
N ALA A 427 -1.38 30.33 20.70
CA ALA A 427 -0.95 30.96 19.46
C ALA A 427 -0.61 32.42 19.66
N GLU A 428 -1.44 33.14 20.41
N GLU A 428 -1.44 33.12 20.43
CA GLU A 428 -1.13 34.54 20.61
CA GLU A 428 -1.23 34.53 20.72
C GLU A 428 0.16 34.72 21.43
C GLU A 428 0.07 34.76 21.50
N ARG A 429 0.35 33.87 22.45
CA ARG A 429 1.59 33.95 23.22
C ARG A 429 2.81 33.75 22.33
N VAL A 430 2.77 32.76 21.46
CA VAL A 430 3.90 32.46 20.59
C VAL A 430 4.10 33.56 19.55
N LEU A 431 3.00 33.97 18.90
CA LEU A 431 3.07 35.01 17.88
C LEU A 431 3.59 36.35 18.42
N SER A 432 3.30 36.63 19.69
CA SER A 432 3.78 37.88 20.30
C SER A 432 5.28 37.84 20.55
N ARG A 433 5.89 36.65 20.45
CA ARG A 433 7.30 36.49 20.79
C ARG A 433 8.20 36.17 19.60
N ILE A 434 7.62 35.83 18.46
CA ILE A 434 8.42 35.48 17.29
C ILE A 434 8.40 36.58 16.22
N SER B 7 -22.92 -33.54 2.25
CA SER B 7 -23.84 -32.43 2.48
C SER B 7 -23.19 -31.07 2.29
N PHE B 8 -21.92 -31.06 1.88
CA PHE B 8 -21.15 -29.83 1.68
C PHE B 8 -21.93 -28.79 0.89
N SER B 9 -22.04 -27.58 1.44
CA SER B 9 -22.81 -26.51 0.82
C SER B 9 -22.08 -25.18 0.86
N LEU B 10 -22.19 -24.43 -0.22
CA LEU B 10 -21.68 -23.06 -0.28
C LEU B 10 -22.83 -22.06 -0.47
N GLN B 11 -24.02 -22.41 -0.01
CA GLN B 11 -25.20 -21.58 -0.27
C GLN B 11 -25.09 -20.14 0.25
N LYS B 12 -24.53 -19.96 1.44
CA LYS B 12 -24.35 -18.60 1.97
C LYS B 12 -23.27 -17.84 1.21
N SER B 13 -22.19 -18.51 0.84
CA SER B 13 -21.19 -17.88 -0.03
C SER B 13 -21.76 -17.49 -1.39
N GLU B 14 -22.62 -18.34 -1.95
CA GLU B 14 -23.25 -18.02 -3.23
C GLU B 14 -24.06 -16.73 -3.13
N GLU B 15 -24.88 -16.63 -2.09
CA GLU B 15 -25.71 -15.45 -1.89
C GLU B 15 -24.86 -14.19 -1.69
N ALA B 16 -23.87 -14.26 -0.81
CA ALA B 16 -23.11 -13.09 -0.48
C ALA B 16 -22.21 -12.66 -1.64
N PHE B 17 -21.71 -13.63 -2.40
CA PHE B 17 -20.88 -13.29 -3.55
C PHE B 17 -21.72 -12.65 -4.66
N ASN B 18 -22.93 -13.15 -4.87
CA ASN B 18 -23.82 -12.52 -5.83
C ASN B 18 -24.08 -11.05 -5.48
N ALA B 19 -24.25 -10.76 -4.18
CA ALA B 19 -24.40 -9.37 -3.76
C ALA B 19 -23.11 -8.59 -3.99
N ALA B 20 -21.97 -9.22 -3.70
CA ALA B 20 -20.67 -8.57 -3.83
C ALA B 20 -20.39 -8.10 -5.25
N LYS B 21 -20.84 -8.88 -6.23
CA LYS B 21 -20.60 -8.54 -7.63
C LYS B 21 -21.21 -7.23 -8.06
N ASN B 22 -22.21 -6.75 -7.31
CA ASN B 22 -22.80 -5.44 -7.59
C ASN B 22 -22.23 -4.30 -6.75
N LEU B 23 -21.22 -4.60 -5.94
CA LEU B 23 -20.60 -3.62 -5.05
C LEU B 23 -19.15 -3.32 -5.42
N MET B 24 -18.45 -4.37 -5.83
CA MET B 24 -17.01 -4.33 -6.13
C MET B 24 -16.80 -5.01 -7.48
N PRO B 25 -15.76 -4.58 -8.23
CA PRO B 25 -15.59 -5.20 -9.56
C PRO B 25 -15.30 -6.69 -9.48
N GLY B 26 -16.15 -7.48 -10.13
CA GLY B 26 -16.06 -8.92 -10.05
C GLY B 26 -16.34 -9.48 -8.66
N GLY B 27 -16.88 -8.64 -7.78
CA GLY B 27 -17.22 -9.06 -6.44
C GLY B 27 -16.05 -9.15 -5.48
N VAL B 28 -14.87 -8.66 -5.87
CA VAL B 28 -13.67 -8.92 -5.09
C VAL B 28 -12.75 -7.71 -5.04
N ASN B 29 -11.81 -7.75 -4.12
CA ASN B 29 -10.78 -6.73 -4.04
C ASN B 29 -9.42 -7.16 -4.57
N SER B 30 -9.36 -8.38 -5.12
CA SER B 30 -8.17 -8.82 -5.84
C SER B 30 -8.58 -9.93 -6.80
N PRO B 31 -8.09 -9.90 -8.04
CA PRO B 31 -8.63 -10.79 -9.09
C PRO B 31 -8.67 -12.29 -8.76
N VAL B 32 -7.60 -12.85 -8.20
CA VAL B 32 -7.55 -14.29 -7.94
C VAL B 32 -8.69 -14.73 -7.03
N ARG B 33 -9.21 -13.80 -6.24
CA ARG B 33 -10.26 -14.15 -5.27
C ARG B 33 -11.58 -14.57 -5.92
N ALA B 34 -11.77 -14.21 -7.19
CA ALA B 34 -13.03 -14.50 -7.86
C ALA B 34 -13.17 -15.93 -8.40
N PHE B 35 -12.13 -16.74 -8.23
CA PHE B 35 -12.19 -18.16 -8.58
C PHE B 35 -12.45 -18.42 -10.08
N LYS B 36 -12.11 -17.46 -10.95
CA LYS B 36 -12.51 -17.61 -12.34
C LYS B 36 -11.95 -18.85 -13.03
N SER B 37 -10.75 -19.27 -12.65
CA SER B 37 -10.16 -20.42 -13.32
C SER B 37 -10.57 -21.75 -12.69
N VAL B 38 -11.32 -21.70 -11.58
CA VAL B 38 -11.74 -22.92 -10.89
C VAL B 38 -13.26 -23.00 -10.71
N GLY B 39 -14.01 -22.33 -11.57
CA GLY B 39 -15.45 -22.49 -11.60
C GLY B 39 -16.27 -21.29 -11.16
N GLY B 40 -15.63 -20.30 -10.55
CA GLY B 40 -16.27 -19.03 -10.30
C GLY B 40 -17.12 -18.90 -9.05
N GLN B 41 -16.99 -19.81 -8.09
CA GLN B 41 -17.70 -19.66 -6.82
C GLN B 41 -16.75 -19.59 -5.62
N PRO B 42 -16.32 -18.38 -5.28
CA PRO B 42 -15.42 -18.23 -4.14
C PRO B 42 -16.05 -18.64 -2.83
N VAL B 43 -15.18 -18.94 -1.89
CA VAL B 43 -15.58 -19.30 -0.55
C VAL B 43 -15.38 -18.05 0.33
N LEU B 44 -16.47 -17.50 0.85
CA LEU B 44 -16.35 -16.35 1.75
C LEU B 44 -15.95 -16.81 3.12
N ILE B 45 -14.97 -16.14 3.70
CA ILE B 45 -14.35 -16.59 4.93
C ILE B 45 -15.01 -15.93 6.13
N ASP B 46 -15.26 -16.74 7.17
CA ASP B 46 -15.73 -16.22 8.44
C ASP B 46 -14.59 -16.02 9.44
N SER B 47 -13.72 -17.02 9.56
CA SER B 47 -12.65 -16.95 10.55
C SER B 47 -11.53 -17.88 10.17
N VAL B 48 -10.37 -17.64 10.76
CA VAL B 48 -9.19 -18.47 10.56
C VAL B 48 -8.50 -18.65 11.90
N LYS B 49 -7.91 -19.82 12.13
CA LYS B 49 -7.18 -20.07 13.37
C LYS B 49 -6.20 -21.21 13.12
N GLY B 50 -4.93 -20.99 13.43
CA GLY B 50 -3.94 -22.04 13.26
C GLY B 50 -3.84 -22.43 11.79
N SER B 51 -4.04 -23.71 11.51
CA SER B 51 -4.00 -24.20 10.13
C SER B 51 -5.39 -24.31 9.50
N LYS B 52 -6.41 -23.75 10.17
CA LYS B 52 -7.78 -23.91 9.73
C LYS B 52 -8.43 -22.62 9.26
N MET B 53 -9.37 -22.77 8.34
CA MET B 53 -10.25 -21.70 7.93
CA MET B 53 -10.25 -21.71 7.89
C MET B 53 -11.69 -22.21 8.02
N TRP B 54 -12.61 -21.33 8.41
CA TRP B 54 -14.04 -21.60 8.41
C TRP B 54 -14.73 -20.60 7.51
N ASP B 55 -15.61 -21.10 6.65
CA ASP B 55 -16.36 -20.24 5.76
C ASP B 55 -17.67 -19.79 6.37
N ILE B 56 -18.41 -18.96 5.65
CA ILE B 56 -19.64 -18.41 6.18
C ILE B 56 -20.77 -19.42 6.19
N ASP B 57 -20.57 -20.55 5.52
CA ASP B 57 -21.51 -21.68 5.62
C ASP B 57 -21.16 -22.61 6.78
N GLY B 58 -20.06 -22.34 7.46
CA GLY B 58 -19.63 -23.12 8.61
C GLY B 58 -18.70 -24.28 8.30
N ASN B 59 -18.39 -24.49 7.02
CA ASN B 59 -17.44 -25.53 6.64
C ASN B 59 -16.05 -25.22 7.15
N GLU B 60 -15.33 -26.27 7.55
CA GLU B 60 -13.95 -26.14 8.01
C GLU B 60 -13.00 -26.69 6.97
N TYR B 61 -11.84 -26.05 6.84
CA TYR B 61 -10.84 -26.49 5.89
C TYR B 61 -9.45 -26.46 6.52
N ILE B 62 -8.63 -27.45 6.17
CA ILE B 62 -7.20 -27.36 6.38
C ILE B 62 -6.69 -26.44 5.27
N ASP B 63 -6.08 -25.32 5.68
CA ASP B 63 -5.74 -24.19 4.82
CA ASP B 63 -5.74 -24.25 4.77
C ASP B 63 -4.29 -24.29 4.31
N TYR B 64 -4.10 -24.24 3.00
CA TYR B 64 -2.76 -24.17 2.40
C TYR B 64 -2.53 -22.88 1.62
N VAL B 65 -3.30 -21.86 1.95
CA VAL B 65 -3.12 -20.53 1.36
C VAL B 65 -2.47 -19.56 2.35
N GLY B 66 -2.78 -19.67 3.63
CA GLY B 66 -2.13 -18.82 4.64
C GLY B 66 -2.28 -17.34 4.36
N SER B 67 -3.44 -16.95 3.85
CA SER B 67 -3.71 -15.59 3.41
CA SER B 67 -3.67 -15.58 3.38
C SER B 67 -2.60 -15.07 2.42
N TRP B 68 -2.16 -16.03 1.62
CA TRP B 68 -1.15 -15.80 0.59
C TRP B 68 0.24 -15.58 1.12
N GLY B 69 0.56 -16.08 2.29
CA GLY B 69 1.87 -15.90 2.86
C GLY B 69 2.08 -15.30 4.24
N PRO B 70 1.15 -14.46 4.72
CA PRO B 70 1.41 -13.82 6.02
C PRO B 70 1.33 -14.81 7.19
N ALA B 71 0.50 -15.85 7.09
CA ALA B 71 0.12 -16.65 8.27
C ALA B 71 1.07 -17.81 8.59
N ILE B 72 2.37 -17.61 8.41
CA ILE B 72 3.34 -18.68 8.59
C ILE B 72 3.39 -19.24 10.01
N ILE B 73 3.06 -18.45 11.03
CA ILE B 73 3.08 -19.01 12.40
C ILE B 73 1.74 -19.60 12.81
N GLY B 74 0.78 -19.57 11.88
CA GLY B 74 -0.59 -19.96 12.13
C GLY B 74 -1.48 -18.73 12.16
N HIS B 75 -2.70 -18.88 11.65
CA HIS B 75 -3.66 -17.77 11.65
C HIS B 75 -4.05 -17.34 13.07
N ALA B 76 -4.26 -16.05 13.28
CA ALA B 76 -4.80 -15.53 14.53
C ALA B 76 -4.02 -16.05 15.74
N ASP B 77 -2.69 -15.96 15.64
CA ASP B 77 -1.86 -16.43 16.73
C ASP B 77 -2.15 -15.70 18.05
N ASP B 78 -2.33 -16.44 19.14
CA ASP B 78 -2.73 -15.84 20.41
C ASP B 78 -1.77 -14.75 20.90
N GLU B 79 -0.47 -14.98 20.77
CA GLU B 79 0.48 -13.98 21.23
C GLU B 79 0.43 -12.70 20.38
N VAL B 80 0.29 -12.86 19.06
CA VAL B 80 0.16 -11.72 18.19
C VAL B 80 -1.10 -10.93 18.53
N LEU B 81 -2.22 -11.64 18.71
CA LEU B 81 -3.47 -10.98 19.07
C LEU B 81 -3.37 -10.23 20.39
N ALA B 82 -2.72 -10.85 21.38
CA ALA B 82 -2.57 -10.19 22.67
C ALA B 82 -1.73 -8.91 22.52
N ALA B 83 -0.69 -8.98 21.68
CA ALA B 83 0.15 -7.83 21.44
C ALA B 83 -0.61 -6.71 20.71
N LEU B 84 -1.46 -7.08 19.75
CA LEU B 84 -2.28 -6.10 19.07
C LEU B 84 -3.28 -5.44 20.03
N ALA B 85 -3.88 -6.25 20.90
CA ALA B 85 -4.87 -5.75 21.84
C ALA B 85 -4.25 -4.72 22.78
N GLU B 86 -3.01 -4.97 23.20
CA GLU B 86 -2.31 -4.04 24.05
C GLU B 86 -1.91 -2.77 23.30
N THR B 87 -1.30 -2.94 22.12
CA THR B 87 -0.83 -1.81 21.36
C THR B 87 -1.96 -0.86 20.96
N MET B 88 -3.10 -1.40 20.57
CA MET B 88 -4.15 -0.54 20.01
CA MET B 88 -4.17 -0.56 20.02
C MET B 88 -4.74 0.42 21.05
N LYS B 89 -4.62 0.09 22.33
CA LYS B 89 -5.06 0.98 23.40
C LYS B 89 -4.42 2.36 23.29
N LYS B 90 -3.20 2.38 22.76
CA LYS B 90 -2.44 3.63 22.63
C LYS B 90 -2.62 4.31 21.28
N GLY B 91 -3.47 3.74 20.43
CA GLY B 91 -3.70 4.32 19.11
C GLY B 91 -3.21 3.39 18.02
N THR B 92 -3.90 3.41 16.88
CA THR B 92 -3.52 2.49 15.81
C THR B 92 -2.63 3.10 14.75
N SER B 93 -2.62 4.43 14.68
CA SER B 93 -1.82 5.14 13.68
CA SER B 93 -1.79 5.12 13.71
C SER B 93 -1.36 6.45 14.29
N PHE B 94 -0.11 6.80 14.06
CA PHE B 94 0.48 8.01 14.63
C PHE B 94 0.83 9.05 13.56
N GLY B 95 1.28 8.59 12.39
CA GLY B 95 1.74 9.50 11.34
C GLY B 95 3.08 10.13 11.68
N ALA B 96 3.79 9.52 12.61
CA ALA B 96 5.03 10.07 13.14
C ALA B 96 5.84 8.89 13.70
N PRO B 97 7.14 9.08 13.94
CA PRO B 97 7.96 7.95 14.40
C PRO B 97 7.54 7.45 15.77
N CYS B 98 7.73 6.15 15.97
CA CYS B 98 7.51 5.52 17.27
C CYS B 98 8.58 4.47 17.49
N LEU B 99 8.69 3.99 18.73
CA LEU B 99 9.75 3.08 19.08
C LEU B 99 9.59 1.72 18.40
N LEU B 100 8.36 1.30 18.12
CA LEU B 100 8.14 0.00 17.48
C LEU B 100 8.78 -0.06 16.09
N GLU B 101 8.83 1.08 15.38
CA GLU B 101 9.50 1.11 14.08
C GLU B 101 11.00 0.78 14.24
N ASN B 102 11.64 1.34 15.27
CA ASN B 102 13.05 1.03 15.52
C ASN B 102 13.21 -0.46 15.79
N VAL B 103 12.31 -1.03 16.57
CA VAL B 103 12.43 -2.44 16.94
C VAL B 103 12.31 -3.36 15.72
N LEU B 104 11.28 -3.16 14.90
CA LEU B 104 11.13 -4.01 13.73
C LEU B 104 12.25 -3.80 12.73
N ALA B 105 12.66 -2.55 12.54
CA ALA B 105 13.79 -2.28 11.65
C ALA B 105 15.04 -3.06 12.09
N GLU B 106 15.35 -3.00 13.38
CA GLU B 106 16.51 -3.73 13.92
C GLU B 106 16.38 -5.23 13.68
N MET B 107 15.17 -5.75 13.87
CA MET B 107 14.96 -7.18 13.67
C MET B 107 15.15 -7.59 12.22
N VAL B 108 14.68 -6.75 11.31
CA VAL B 108 14.79 -7.06 9.89
C VAL B 108 16.25 -6.98 9.41
N ILE B 109 16.96 -5.95 9.85
CA ILE B 109 18.37 -5.80 9.52
C ILE B 109 19.17 -7.00 10.03
N SER B 110 18.85 -7.46 11.25
CA SER B 110 19.54 -8.62 11.80
C SER B 110 19.23 -9.89 11.02
N ALA B 111 18.00 -10.03 10.59
CA ALA B 111 17.52 -11.26 9.94
C ALA B 111 17.99 -11.45 8.52
N VAL B 112 17.98 -10.38 7.73
CA VAL B 112 18.14 -10.51 6.28
C VAL B 112 19.52 -10.06 5.84
N PRO B 113 20.32 -10.98 5.26
CA PRO B 113 21.71 -10.72 4.91
C PRO B 113 21.97 -9.39 4.22
N SER B 114 21.26 -9.10 3.14
CA SER B 114 21.53 -7.91 2.35
C SER B 114 21.11 -6.60 3.00
N ILE B 115 20.22 -6.65 4.00
CA ILE B 115 19.60 -5.43 4.48
C ILE B 115 20.40 -4.78 5.60
N GLU B 116 20.96 -3.61 5.31
CA GLU B 116 21.71 -2.83 6.30
C GLU B 116 20.89 -1.64 6.79
N MET B 117 19.87 -1.27 6.00
CA MET B 117 19.00 -0.16 6.28
C MET B 117 17.71 -0.47 5.56
N VAL B 118 16.58 -0.10 6.15
CA VAL B 118 15.28 -0.54 5.64
C VAL B 118 14.25 0.58 5.72
N ARG B 119 13.30 0.58 4.78
CA ARG B 119 12.20 1.53 4.72
C ARG B 119 10.90 0.73 4.66
N PHE B 120 10.00 1.00 5.60
CA PHE B 120 8.71 0.33 5.66
C PHE B 120 7.66 1.06 4.84
N VAL B 121 6.81 0.28 4.18
CA VAL B 121 5.72 0.79 3.36
C VAL B 121 4.49 -0.10 3.63
N ASN B 122 3.39 0.11 2.92
CA ASN B 122 2.14 -0.58 3.24
C ASN B 122 1.73 -1.79 2.42
N SER B 123 2.56 -2.16 1.45
CA SER B 123 2.27 -3.33 0.62
C SER B 123 3.51 -3.75 -0.12
N GLY B 124 3.46 -4.96 -0.68
CA GLY B 124 4.50 -5.42 -1.57
C GLY B 124 4.58 -4.60 -2.83
N THR B 125 3.43 -4.14 -3.32
CA THR B 125 3.39 -3.30 -4.51
C THR B 125 4.18 -2.02 -4.28
N GLU B 126 3.95 -1.37 -3.13
CA GLU B 126 4.71 -0.17 -2.78
C GLU B 126 6.19 -0.46 -2.59
N ALA B 127 6.50 -1.61 -1.99
CA ALA B 127 7.89 -1.96 -1.76
C ALA B 127 8.63 -2.11 -3.09
N CYS B 128 7.99 -2.77 -4.05
CA CYS B 128 8.62 -2.99 -5.33
C CYS B 128 8.73 -1.70 -6.15
N MET B 129 7.74 -0.83 -6.05
N MET B 129 7.75 -0.82 -6.01
CA MET B 129 7.81 0.50 -6.66
CA MET B 129 7.79 0.46 -6.67
C MET B 129 9.04 1.22 -6.13
C MET B 129 8.93 1.32 -6.11
N GLY B 130 9.16 1.22 -4.81
CA GLY B 130 10.25 1.96 -4.18
C GLY B 130 11.60 1.39 -4.54
N VAL B 131 11.74 0.08 -4.56
CA VAL B 131 13.05 -0.52 -4.78
C VAL B 131 13.51 -0.28 -6.22
N LEU B 132 12.55 -0.25 -7.14
CA LEU B 132 12.86 -0.02 -8.55
C LEU B 132 13.31 1.42 -8.76
N ARG B 133 12.56 2.35 -8.19
CA ARG B 133 12.94 3.75 -8.24
C ARG B 133 14.33 3.96 -7.62
N LEU B 134 14.60 3.26 -6.52
CA LEU B 134 15.88 3.38 -5.86
C LEU B 134 17.03 2.86 -6.73
N ALA B 135 16.83 1.70 -7.34
CA ALA B 135 17.88 1.13 -8.20
C ALA B 135 18.19 2.05 -9.39
N ARG B 136 17.12 2.58 -9.99
CA ARG B 136 17.28 3.51 -11.11
C ARG B 136 18.00 4.77 -10.66
N ALA B 137 17.65 5.27 -9.47
CA ALA B 137 18.29 6.49 -8.95
C ALA B 137 19.77 6.28 -8.63
N PHE B 138 20.08 5.16 -7.99
CA PHE B 138 21.45 4.89 -7.58
C PHE B 138 22.38 4.71 -8.78
N THR B 139 21.91 4.02 -9.81
CA THR B 139 22.73 3.71 -10.96
C THR B 139 22.68 4.80 -12.04
N ASN B 140 21.70 5.69 -11.94
CA ASN B 140 21.44 6.70 -12.97
C ASN B 140 21.19 6.05 -14.34
N LYS B 141 20.51 4.90 -14.30
CA LYS B 141 20.14 4.17 -15.51
C LYS B 141 18.65 3.83 -15.44
N GLU B 142 17.99 3.77 -16.59
CA GLU B 142 16.54 3.65 -16.62
CA GLU B 142 16.54 3.65 -16.62
C GLU B 142 16.00 2.24 -16.91
N LYS B 143 16.75 1.44 -17.65
CA LYS B 143 16.22 0.11 -17.96
C LYS B 143 16.43 -0.88 -16.84
N PHE B 144 15.61 -1.90 -16.77
CA PHE B 144 15.82 -3.00 -15.85
C PHE B 144 15.28 -4.27 -16.48
N ILE B 145 15.67 -5.40 -15.92
CA ILE B 145 15.23 -6.69 -16.42
C ILE B 145 14.35 -7.39 -15.40
N LYS B 146 13.21 -7.87 -15.86
CA LYS B 146 12.40 -8.79 -15.05
CA LYS B 146 12.35 -8.76 -15.07
C LYS B 146 12.10 -10.05 -15.84
N PHE B 147 11.59 -11.06 -15.16
CA PHE B 147 11.37 -12.37 -15.78
C PHE B 147 9.92 -12.66 -16.02
N GLU B 148 9.65 -13.29 -17.15
CA GLU B 148 8.29 -13.69 -17.47
C GLU B 148 7.79 -14.68 -16.42
N GLY B 149 6.65 -14.37 -15.84
CA GLY B 149 6.09 -15.21 -14.81
C GLY B 149 6.31 -14.69 -13.41
N CYS B 150 7.28 -13.79 -13.24
CA CYS B 150 7.45 -13.14 -11.94
C CYS B 150 6.44 -12.04 -11.74
N TYR B 151 6.08 -11.80 -10.47
CA TYR B 151 5.13 -10.77 -10.10
C TYR B 151 5.75 -9.86 -9.06
N HIS B 152 5.71 -8.56 -9.31
CA HIS B 152 6.29 -7.58 -8.41
C HIS B 152 5.28 -6.52 -8.03
N GLY B 153 4.01 -6.92 -7.93
CA GLY B 153 2.96 -5.95 -7.70
C GLY B 153 2.53 -5.27 -8.98
N HIS B 154 1.65 -4.29 -8.86
CA HIS B 154 1.01 -3.74 -10.04
C HIS B 154 1.48 -2.35 -10.48
N ALA B 155 2.62 -1.86 -10.01
CA ALA B 155 3.17 -0.64 -10.60
C ALA B 155 3.32 -0.81 -12.11
N ASN B 156 3.04 0.25 -12.86
CA ASN B 156 3.01 0.19 -14.32
C ASN B 156 4.24 -0.45 -14.94
N ALA B 157 5.44 -0.11 -14.44
CA ALA B 157 6.68 -0.59 -15.05
C ALA B 157 6.76 -2.11 -15.09
N PHE B 158 6.08 -2.78 -14.17
CA PHE B 158 6.12 -4.24 -14.10
C PHE B 158 5.10 -4.91 -15.02
N LEU B 159 4.11 -4.15 -15.49
CA LEU B 159 3.00 -4.74 -16.24
C LEU B 159 3.32 -4.81 -17.73
N VAL B 160 4.34 -5.60 -18.05
CA VAL B 160 4.97 -5.61 -19.35
C VAL B 160 4.63 -6.90 -20.10
N LYS B 161 4.39 -6.77 -21.40
CA LYS B 161 4.06 -7.90 -22.24
C LYS B 161 5.31 -8.68 -22.59
N ALA B 162 5.23 -10.01 -22.47
CA ALA B 162 6.30 -10.89 -22.91
C ALA B 162 5.78 -11.69 -24.10
N GLY B 163 6.71 -12.09 -24.97
CA GLY B 163 6.34 -12.90 -26.11
C GLY B 163 7.31 -12.74 -27.25
N SER B 164 7.05 -13.46 -28.34
CA SER B 164 7.91 -13.43 -29.51
C SER B 164 8.08 -12.01 -30.03
N GLY B 165 9.33 -11.58 -30.14
CA GLY B 165 9.66 -10.34 -30.79
C GLY B 165 9.42 -9.09 -29.96
N VAL B 166 9.13 -9.22 -28.67
CA VAL B 166 8.82 -8.03 -27.88
C VAL B 166 9.65 -7.89 -26.59
N ALA B 167 10.63 -8.78 -26.39
CA ALA B 167 11.38 -8.80 -25.14
C ALA B 167 12.13 -7.51 -24.84
N THR B 168 12.50 -6.76 -25.88
CA THR B 168 13.23 -5.53 -25.67
C THR B 168 12.37 -4.29 -25.89
N LEU B 169 11.08 -4.48 -26.14
CA LEU B 169 10.22 -3.36 -26.54
C LEU B 169 9.51 -2.65 -25.39
N GLY B 170 9.30 -3.35 -24.27
CA GLY B 170 8.61 -2.76 -23.15
C GLY B 170 7.19 -2.35 -23.48
N LEU B 171 6.44 -3.25 -24.10
CA LEU B 171 5.04 -3.01 -24.39
C LEU B 171 4.17 -3.33 -23.18
N PRO B 172 3.04 -2.64 -23.03
CA PRO B 172 2.18 -2.87 -21.86
C PRO B 172 1.38 -4.17 -21.97
N ASP B 173 1.15 -4.80 -20.82
CA ASP B 173 0.43 -6.07 -20.75
C ASP B 173 -1.02 -5.91 -20.29
N SER B 174 -1.41 -4.67 -19.94
CA SER B 174 -2.75 -4.35 -19.45
CA SER B 174 -2.76 -4.38 -19.53
C SER B 174 -3.17 -3.04 -20.09
N PRO B 175 -4.48 -2.87 -20.38
CA PRO B 175 -4.91 -1.53 -20.80
C PRO B 175 -4.74 -0.55 -19.64
N GLY B 176 -4.59 0.72 -19.98
CA GLY B 176 -4.41 1.76 -18.97
C GLY B 176 -2.96 2.01 -18.59
N VAL B 177 -2.06 1.18 -19.11
CA VAL B 177 -0.62 1.32 -18.91
C VAL B 177 -0.04 1.92 -20.19
N PRO B 178 0.41 3.19 -20.15
CA PRO B 178 0.94 3.75 -21.39
C PRO B 178 2.21 3.03 -21.83
N LYS B 179 2.41 2.95 -23.13
CA LYS B 179 3.61 2.30 -23.67
C LYS B 179 4.88 2.91 -23.09
N ALA B 180 4.87 4.21 -22.83
CA ALA B 180 6.06 4.87 -22.30
C ALA B 180 6.44 4.34 -20.90
N ALA B 181 5.44 3.94 -20.11
CA ALA B 181 5.68 3.50 -18.74
C ALA B 181 6.44 2.18 -18.69
N THR B 182 6.16 1.30 -19.64
CA THR B 182 6.81 -0.01 -19.69
C THR B 182 8.01 0.00 -20.63
N SER B 183 8.26 1.12 -21.31
CA SER B 183 9.26 1.17 -22.38
C SER B 183 10.69 0.92 -21.90
N ASP B 184 10.94 1.05 -20.60
CA ASP B 184 12.25 0.81 -20.03
C ASP B 184 12.34 -0.53 -19.30
N THR B 185 11.36 -1.40 -19.53
CA THR B 185 11.33 -2.73 -18.92
C THR B 185 11.68 -3.78 -19.96
N LEU B 186 12.74 -4.54 -19.68
CA LEU B 186 13.19 -5.64 -20.52
C LEU B 186 12.78 -6.95 -19.85
N THR B 187 12.50 -7.97 -20.65
CA THR B 187 12.15 -9.26 -20.08
C THR B 187 12.96 -10.42 -20.64
N ALA B 188 13.07 -11.45 -19.81
CA ALA B 188 13.69 -12.72 -20.20
C ALA B 188 12.90 -13.85 -19.55
N PRO B 189 13.01 -15.07 -20.09
CA PRO B 189 12.38 -16.21 -19.41
C PRO B 189 13.11 -16.53 -18.10
N TYR B 190 12.35 -16.91 -17.08
CA TYR B 190 12.95 -17.41 -15.85
C TYR B 190 13.83 -18.61 -16.17
N ASN B 191 14.94 -18.75 -15.43
CA ASN B 191 15.86 -19.86 -15.62
C ASN B 191 16.56 -19.86 -16.99
N ASP B 192 16.65 -18.68 -17.61
CA ASP B 192 17.34 -18.56 -18.89
C ASP B 192 18.44 -17.50 -18.75
N LEU B 193 19.62 -17.96 -18.34
CA LEU B 193 20.74 -17.05 -18.12
C LEU B 193 21.23 -16.50 -19.46
N GLU B 194 21.25 -17.34 -20.50
CA GLU B 194 21.71 -16.88 -21.80
C GLU B 194 20.89 -15.70 -22.32
N ALA B 195 19.57 -15.75 -22.12
CA ALA B 195 18.72 -14.64 -22.54
C ALA B 195 19.10 -13.35 -21.83
N VAL B 196 19.47 -13.47 -20.56
CA VAL B 196 19.89 -12.30 -19.80
C VAL B 196 21.22 -11.76 -20.30
N GLU B 197 22.16 -12.66 -20.58
CA GLU B 197 23.44 -12.27 -21.17
C GLU B 197 23.24 -11.48 -22.48
N LYS B 198 22.30 -11.93 -23.29
CA LYS B 198 22.02 -11.25 -24.55
C LYS B 198 21.43 -9.85 -24.32
N LEU B 199 20.60 -9.70 -23.29
CA LEU B 199 20.05 -8.39 -22.97
C LEU B 199 21.16 -7.45 -22.53
N PHE B 200 22.08 -7.96 -21.70
CA PHE B 200 23.21 -7.16 -21.24
C PHE B 200 24.04 -6.68 -22.44
N ALA B 201 24.29 -7.59 -23.39
CA ALA B 201 25.14 -7.25 -24.53
C ALA B 201 24.51 -6.18 -25.43
N ALA B 202 23.18 -6.17 -25.51
CA ALA B 202 22.46 -5.27 -26.39
C ALA B 202 22.11 -3.91 -25.74
N HIS B 203 22.31 -3.82 -24.42
CA HIS B 203 21.95 -2.60 -23.70
C HIS B 203 23.04 -2.14 -22.75
N LYS B 204 24.29 -2.17 -23.21
CA LYS B 204 25.42 -1.79 -22.38
C LYS B 204 25.26 -0.38 -21.84
N GLY B 205 25.40 -0.25 -20.51
CA GLY B 205 25.32 1.03 -19.84
C GLY B 205 23.91 1.57 -19.62
N GLU B 206 22.90 0.76 -19.90
CA GLU B 206 21.52 1.23 -19.77
C GLU B 206 20.77 0.50 -18.67
N ILE B 207 21.34 -0.58 -18.15
CA ILE B 207 20.62 -1.45 -17.22
C ILE B 207 20.95 -1.14 -15.77
N SER B 208 19.92 -0.74 -15.03
CA SER B 208 20.07 -0.43 -13.61
C SER B 208 20.14 -1.69 -12.75
N ALA B 209 19.30 -2.68 -13.08
CA ALA B 209 19.06 -3.78 -12.17
C ALA B 209 18.45 -4.96 -12.88
N VAL B 210 18.65 -6.13 -12.29
CA VAL B 210 17.86 -7.32 -12.56
C VAL B 210 17.04 -7.58 -11.30
N ILE B 211 15.73 -7.73 -11.46
CA ILE B 211 14.85 -8.11 -10.34
C ILE B 211 14.28 -9.49 -10.58
N LEU B 212 14.13 -10.28 -9.52
CA LEU B 212 13.44 -11.56 -9.64
C LEU B 212 12.85 -12.00 -8.33
N GLU B 213 11.79 -12.79 -8.41
CA GLU B 213 11.41 -13.63 -7.28
C GLU B 213 12.45 -14.73 -7.23
N PRO B 214 13.16 -14.87 -6.11
CA PRO B 214 14.24 -15.87 -6.10
C PRO B 214 13.72 -17.31 -6.10
N VAL B 215 12.45 -17.49 -5.75
CA VAL B 215 11.69 -18.68 -6.12
C VAL B 215 10.35 -18.14 -6.59
N VAL B 216 9.94 -18.49 -7.81
CA VAL B 216 8.65 -18.07 -8.32
C VAL B 216 7.51 -18.71 -7.53
N GLY B 217 6.56 -17.89 -7.12
CA GLY B 217 5.37 -18.37 -6.44
C GLY B 217 4.10 -17.92 -7.10
N ASN B 218 4.20 -17.02 -8.07
CA ASN B 218 3.03 -16.45 -8.73
C ASN B 218 2.78 -17.01 -10.13
N SER B 219 3.49 -18.08 -10.48
CA SER B 219 3.19 -18.85 -11.69
CA SER B 219 3.21 -18.85 -11.70
C SER B 219 3.25 -20.32 -11.33
N GLY B 220 2.78 -20.63 -10.12
CA GLY B 220 3.04 -21.90 -9.51
C GLY B 220 4.40 -21.80 -8.83
N PHE B 221 4.86 -22.91 -8.28
CA PHE B 221 6.13 -22.98 -7.58
C PHE B 221 7.24 -23.34 -8.55
N ILE B 222 8.14 -22.40 -8.82
CA ILE B 222 9.24 -22.64 -9.74
C ILE B 222 10.56 -22.14 -9.16
N PRO B 223 11.40 -23.07 -8.70
CA PRO B 223 12.69 -22.68 -8.13
C PRO B 223 13.73 -22.39 -9.22
N PRO B 224 14.75 -21.60 -8.88
CA PRO B 224 15.82 -21.31 -9.84
C PRO B 224 16.83 -22.44 -9.89
N THR B 225 17.43 -22.68 -11.05
CA THR B 225 18.56 -23.57 -11.10
C THR B 225 19.77 -22.87 -10.48
N PRO B 226 20.72 -23.63 -9.93
CA PRO B 226 21.91 -22.96 -9.37
C PRO B 226 22.66 -22.14 -10.42
N GLU B 227 22.71 -22.64 -11.64
CA GLU B 227 23.40 -21.94 -12.71
C GLU B 227 22.75 -20.57 -12.98
N PHE B 228 21.42 -20.55 -12.97
CA PHE B 228 20.70 -19.30 -13.23
C PHE B 228 20.93 -18.28 -12.14
N ILE B 229 20.69 -18.64 -10.89
CA ILE B 229 20.73 -17.64 -9.82
C ILE B 229 22.17 -17.20 -9.53
N ASN B 230 23.12 -18.12 -9.54
CA ASN B 230 24.53 -17.72 -9.44
C ASN B 230 24.96 -16.88 -10.63
N GLY B 231 24.52 -17.26 -11.83
CA GLY B 231 24.84 -16.51 -13.03
C GLY B 231 24.37 -15.08 -12.92
N LEU B 232 23.16 -14.87 -12.41
CA LEU B 232 22.66 -13.51 -12.24
C LEU B 232 23.52 -12.71 -11.28
N ARG B 233 23.92 -13.34 -10.18
CA ARG B 233 24.75 -12.62 -9.20
C ARG B 233 26.09 -12.23 -9.82
N GLN B 234 26.68 -13.12 -10.59
CA GLN B 234 27.98 -12.85 -11.19
C GLN B 234 27.87 -11.81 -12.30
N LEU B 235 26.89 -11.96 -13.17
CA LEU B 235 26.72 -11.07 -14.31
C LEU B 235 26.43 -9.64 -13.84
N THR B 236 25.58 -9.49 -12.83
CA THR B 236 25.28 -8.17 -12.31
C THR B 236 26.52 -7.54 -11.66
N LYS B 237 27.20 -8.30 -10.80
CA LYS B 237 28.40 -7.81 -10.12
CA LYS B 237 28.39 -7.80 -10.12
C LYS B 237 29.47 -7.38 -11.12
N ASP B 238 29.68 -8.18 -12.16
CA ASP B 238 30.73 -7.90 -13.14
C ASP B 238 30.46 -6.64 -13.94
N ASN B 239 29.20 -6.22 -13.99
CA ASN B 239 28.82 -5.10 -14.82
C ASN B 239 28.33 -3.87 -14.05
N GLY B 240 28.44 -3.92 -12.72
CA GLY B 240 28.01 -2.81 -11.89
C GLY B 240 26.50 -2.60 -11.93
N VAL B 241 25.77 -3.69 -12.15
CA VAL B 241 24.31 -3.68 -12.18
C VAL B 241 23.81 -4.21 -10.84
N LEU B 242 22.70 -3.68 -10.35
CA LEU B 242 22.16 -4.17 -9.07
C LEU B 242 21.36 -5.44 -9.25
N LEU B 243 21.46 -6.33 -8.27
CA LEU B 243 20.60 -7.51 -8.18
C LEU B 243 19.56 -7.26 -7.09
N ILE B 244 18.29 -7.38 -7.46
CA ILE B 244 17.20 -7.16 -6.52
C ILE B 244 16.44 -8.46 -6.33
N PHE B 245 16.31 -8.92 -5.09
CA PHE B 245 15.44 -10.05 -4.79
C PHE B 245 14.10 -9.53 -4.29
N ASP B 246 13.03 -9.89 -4.98
CA ASP B 246 11.69 -9.63 -4.47
C ASP B 246 11.34 -10.77 -3.53
N GLU B 247 11.51 -10.52 -2.23
CA GLU B 247 11.26 -11.52 -1.21
C GLU B 247 9.95 -11.26 -0.46
N VAL B 248 9.00 -10.64 -1.13
CA VAL B 248 7.71 -10.40 -0.50
C VAL B 248 7.06 -11.72 -0.06
N MET B 249 7.21 -12.76 -0.88
CA MET B 249 6.66 -14.09 -0.57
CA MET B 249 6.67 -14.08 -0.56
C MET B 249 7.71 -15.02 0.06
N THR B 250 8.94 -14.98 -0.42
CA THR B 250 9.96 -15.90 0.08
C THR B 250 10.58 -15.46 1.41
N GLY B 251 10.55 -14.16 1.67
CA GLY B 251 11.16 -13.61 2.87
C GLY B 251 10.51 -14.20 4.11
N PHE B 252 11.35 -14.64 5.05
CA PHE B 252 10.91 -15.26 6.30
C PHE B 252 10.13 -16.56 6.11
N ARG B 253 10.13 -17.09 4.90
CA ARG B 253 9.39 -18.32 4.62
C ARG B 253 10.30 -19.46 4.20
N LEU B 254 11.29 -19.18 3.34
CA LEU B 254 12.22 -20.24 2.94
C LEU B 254 13.28 -20.52 4.00
N ALA B 255 13.53 -19.53 4.85
CA ALA B 255 14.54 -19.55 5.92
C ALA B 255 14.30 -18.28 6.69
N TYR B 256 14.89 -18.15 7.87
CA TYR B 256 14.73 -16.92 8.62
C TYR B 256 15.26 -15.72 7.81
N GLY B 257 16.36 -15.95 7.10
CA GLY B 257 16.96 -14.95 6.22
C GLY B 257 16.50 -15.05 4.79
N GLY B 258 15.36 -15.73 4.57
CA GLY B 258 14.73 -15.76 3.26
C GLY B 258 15.46 -16.59 2.23
N ALA B 259 15.10 -16.35 0.97
CA ALA B 259 15.74 -17.06 -0.13
C ALA B 259 17.23 -16.76 -0.19
N GLN B 260 17.61 -15.53 0.15
CA GLN B 260 19.03 -15.20 0.07
C GLN B 260 19.84 -16.05 1.07
N GLU B 261 19.27 -16.36 2.23
CA GLU B 261 19.92 -17.33 3.11
C GLU B 261 19.82 -18.76 2.57
N TYR B 262 18.63 -19.16 2.12
CA TYR B 262 18.41 -20.51 1.63
C TYR B 262 19.40 -20.89 0.52
N PHE B 263 19.62 -19.96 -0.41
CA PHE B 263 20.51 -20.21 -1.55
C PHE B 263 21.95 -19.74 -1.32
N GLY B 264 22.16 -18.92 -0.29
CA GLY B 264 23.46 -18.35 -0.02
C GLY B 264 23.95 -17.38 -1.09
N ILE B 265 23.02 -16.59 -1.62
CA ILE B 265 23.35 -15.58 -2.61
CA ILE B 265 23.32 -15.58 -2.64
C ILE B 265 22.79 -14.27 -2.12
N THR B 266 23.64 -13.26 -2.04
CA THR B 266 23.24 -11.99 -1.42
C THR B 266 23.01 -10.92 -2.47
N PRO B 267 21.78 -10.40 -2.56
CA PRO B 267 21.47 -9.35 -3.52
C PRO B 267 21.90 -8.00 -2.98
N ASP B 268 21.78 -6.97 -3.80
CA ASP B 268 22.09 -5.61 -3.38
C ASP B 268 20.90 -4.94 -2.68
N LEU B 269 19.69 -5.31 -3.09
CA LEU B 269 18.46 -4.77 -2.52
C LEU B 269 17.46 -5.90 -2.41
N THR B 270 16.55 -5.77 -1.46
CA THR B 270 15.53 -6.79 -1.17
C THR B 270 14.21 -6.10 -0.85
N THR B 271 13.12 -6.65 -1.36
CA THR B 271 11.80 -6.25 -0.90
C THR B 271 11.19 -7.33 -0.01
N LEU B 272 10.36 -6.89 0.93
CA LEU B 272 9.69 -7.75 1.89
C LEU B 272 8.25 -7.33 1.99
N GLY B 273 7.44 -8.25 2.50
CA GLY B 273 6.04 -7.96 2.79
C GLY B 273 5.45 -9.14 3.51
N LYS B 274 4.15 -9.31 3.36
N LYS B 274 4.13 -9.17 3.58
N LYS B 274 4.13 -9.17 3.55
CA LYS B 274 3.41 -10.46 3.86
CA LYS B 274 3.40 -10.38 3.95
CA LYS B 274 3.39 -10.35 4.01
C LYS B 274 3.79 -10.81 5.30
C LYS B 274 3.75 -10.82 5.38
C LYS B 274 3.82 -10.76 5.41
N ILE B 275 4.66 -11.78 5.54
CA ILE B 275 5.06 -12.21 6.87
C ILE B 275 5.51 -11.06 7.79
N ILE B 276 6.19 -10.05 7.23
CA ILE B 276 6.69 -8.99 8.11
CA ILE B 276 6.71 -8.95 8.03
C ILE B 276 5.61 -8.08 8.68
N GLY B 277 4.38 -8.21 8.18
CA GLY B 277 3.25 -7.50 8.78
C GLY B 277 2.41 -8.33 9.72
N GLY B 278 2.72 -9.63 9.82
CA GLY B 278 2.07 -10.53 10.74
C GLY B 278 0.55 -10.59 10.56
N GLY B 279 0.06 -10.30 9.36
CA GLY B 279 -1.36 -10.30 9.10
C GLY B 279 -1.97 -8.92 8.95
N LEU B 280 -1.13 -7.89 8.97
CA LEU B 280 -1.54 -6.52 8.73
CA LEU B 280 -1.56 -6.52 8.72
C LEU B 280 -0.83 -6.00 7.47
N PRO B 281 -1.34 -4.91 6.86
CA PRO B 281 -0.71 -4.42 5.63
C PRO B 281 0.67 -3.83 5.89
N VAL B 282 1.75 -4.47 5.42
N VAL B 282 1.58 -4.23 5.02
CA VAL B 282 3.15 -3.96 5.59
CA VAL B 282 2.95 -3.96 5.25
C VAL B 282 4.05 -4.48 4.47
C VAL B 282 3.72 -4.22 3.97
N GLY B 283 4.89 -3.61 3.91
CA GLY B 283 5.91 -4.00 2.98
C GLY B 283 7.19 -3.33 3.42
N ALA B 284 8.30 -3.66 2.79
CA ALA B 284 9.55 -2.95 3.07
C ALA B 284 10.50 -3.11 1.92
N TYR B 285 11.41 -2.16 1.77
CA TYR B 285 12.54 -2.36 0.88
C TYR B 285 13.79 -1.95 1.62
N GLY B 286 14.88 -2.68 1.40
CA GLY B 286 16.11 -2.41 2.11
C GLY B 286 17.29 -3.01 1.36
N GLY B 287 18.48 -2.79 1.88
CA GLY B 287 19.66 -3.31 1.22
C GLY B 287 20.89 -2.59 1.71
N ARG B 288 21.89 -2.53 0.84
CA ARG B 288 23.16 -1.89 1.20
CA ARG B 288 23.16 -1.86 1.13
C ARG B 288 22.92 -0.45 1.62
N ARG B 289 23.60 -0.06 2.70
CA ARG B 289 23.38 1.26 3.28
C ARG B 289 23.67 2.41 2.33
N ASP B 290 24.73 2.28 1.53
CA ASP B 290 25.10 3.37 0.63
C ASP B 290 24.02 3.59 -0.42
N ILE B 291 23.30 2.54 -0.78
CA ILE B 291 22.18 2.70 -1.70
C ILE B 291 20.98 3.32 -0.98
N MET B 292 20.65 2.79 0.20
CA MET B 292 19.47 3.23 0.94
C MET B 292 19.54 4.69 1.37
N GLU B 293 20.75 5.23 1.50
CA GLU B 293 20.93 6.63 1.87
CA GLU B 293 20.89 6.62 1.89
C GLU B 293 20.44 7.58 0.79
N MET B 294 20.11 7.07 -0.39
CA MET B 294 19.52 7.91 -1.42
CA MET B 294 19.51 7.86 -1.46
C MET B 294 18.03 8.19 -1.19
N VAL B 295 17.40 7.42 -0.33
CA VAL B 295 15.97 7.54 -0.08
C VAL B 295 15.65 8.77 0.76
N ALA B 296 14.69 9.57 0.30
CA ALA B 296 14.24 10.74 1.04
C ALA B 296 13.75 10.32 2.43
N PRO B 297 14.08 11.09 3.48
CA PRO B 297 14.72 12.41 3.43
C PRO B 297 16.24 12.39 3.57
N ALA B 298 16.86 11.21 3.57
CA ALA B 298 18.33 11.15 3.60
C ALA B 298 18.93 11.59 2.27
N GLY B 299 18.23 11.29 1.18
CA GLY B 299 18.69 11.59 -0.15
C GLY B 299 17.55 12.06 -1.03
N PRO B 300 17.81 12.17 -2.33
CA PRO B 300 16.88 12.83 -3.25
C PRO B 300 15.77 11.95 -3.83
N MET B 301 15.83 10.63 -3.64
CA MET B 301 14.84 9.73 -4.22
CA MET B 301 14.82 9.77 -4.25
C MET B 301 13.53 9.78 -3.43
N TYR B 302 12.45 10.19 -4.07
CA TYR B 302 11.18 10.39 -3.37
C TYR B 302 10.32 9.14 -3.23
N GLN B 303 9.94 8.86 -1.99
CA GLN B 303 8.93 7.85 -1.68
C GLN B 303 8.37 8.22 -0.30
N ALA B 304 7.06 8.09 -0.13
CA ALA B 304 6.42 8.43 1.14
C ALA B 304 5.13 7.64 1.36
N GLY B 305 4.73 7.52 2.62
CA GLY B 305 3.52 6.82 2.98
C GLY B 305 2.94 7.35 4.28
N THR B 306 1.62 7.50 4.33
CA THR B 306 0.96 8.04 5.52
C THR B 306 0.92 7.03 6.64
N LEU B 307 0.47 5.82 6.32
CA LEU B 307 0.28 4.78 7.33
C LEU B 307 1.51 3.95 7.56
N SER B 308 2.60 4.25 6.85
CA SER B 308 3.80 3.45 6.97
CA SER B 308 3.81 3.46 6.97
C SER B 308 4.33 3.45 8.40
N GLY B 309 4.81 2.29 8.84
CA GLY B 309 5.35 2.16 10.18
C GLY B 309 4.31 2.27 11.28
N ASN B 310 3.05 2.04 10.97
CA ASN B 310 2.04 2.18 12.01
C ASN B 310 2.23 1.13 13.09
N PRO B 311 1.88 1.50 14.33
CA PRO B 311 2.24 0.65 15.46
C PRO B 311 1.57 -0.73 15.48
N LEU B 312 0.36 -0.86 14.94
CA LEU B 312 -0.28 -2.17 14.90
C LEU B 312 0.49 -3.14 14.01
N ALA B 313 0.82 -2.66 12.82
CA ALA B 313 1.54 -3.46 11.86
C ALA B 313 2.93 -3.80 12.40
N MET B 314 3.59 -2.82 13.01
CA MET B 314 4.90 -3.08 13.58
C MET B 314 4.83 -4.14 14.67
N THR B 315 3.85 -4.03 15.56
CA THR B 315 3.69 -4.99 16.65
C THR B 315 3.47 -6.41 16.12
N ALA B 316 2.59 -6.52 15.13
CA ALA B 316 2.30 -7.83 14.56
C ALA B 316 3.55 -8.44 13.93
N GLY B 317 4.29 -7.62 13.19
CA GLY B 317 5.55 -8.08 12.60
C GLY B 317 6.58 -8.52 13.62
N ILE B 318 6.75 -7.71 14.67
CA ILE B 318 7.72 -8.00 15.71
C ILE B 318 7.44 -9.36 16.35
N HIS B 319 6.19 -9.60 16.72
CA HIS B 319 5.85 -10.83 17.42
C HIS B 319 5.88 -12.04 16.50
N THR B 320 5.63 -11.82 15.22
CA THR B 320 5.74 -12.89 14.24
C THR B 320 7.19 -13.30 14.06
N LEU B 321 8.07 -12.32 13.87
CA LEU B 321 9.49 -12.62 13.73
C LEU B 321 10.07 -13.27 14.99
N LYS B 322 9.64 -12.79 16.16
CA LYS B 322 10.12 -13.37 17.42
C LYS B 322 9.82 -14.87 17.47
N ARG B 323 8.65 -15.26 16.99
CA ARG B 323 8.27 -16.67 16.97
CA ARG B 323 8.28 -16.67 16.96
C ARG B 323 9.16 -17.43 15.98
N LEU B 324 9.36 -16.84 14.79
CA LEU B 324 10.10 -17.51 13.74
C LEU B 324 11.58 -17.69 14.06
N LYS B 325 12.11 -16.79 14.88
CA LYS B 325 13.53 -16.81 15.22
C LYS B 325 13.90 -17.98 16.13
N GLN B 326 12.91 -18.59 16.76
CA GLN B 326 13.15 -19.72 17.67
C GLN B 326 13.72 -20.93 16.92
N ALA B 327 14.58 -21.68 17.59
CA ALA B 327 15.20 -22.85 16.98
C ALA B 327 14.15 -23.87 16.53
N GLY B 328 14.37 -24.46 15.36
CA GLY B 328 13.55 -25.57 14.92
C GLY B 328 12.40 -25.21 14.02
N THR B 329 12.15 -23.91 13.84
CA THR B 329 11.04 -23.40 13.04
CA THR B 329 10.99 -23.48 13.07
C THR B 329 11.04 -23.88 11.60
N TYR B 330 12.12 -23.53 10.90
CA TYR B 330 12.19 -23.84 9.46
C TYR B 330 12.42 -25.32 9.22
N GLU B 331 13.08 -25.97 10.16
CA GLU B 331 13.25 -27.41 10.10
C GLU B 331 11.91 -28.13 10.20
N TYR B 332 11.02 -27.63 11.06
CA TYR B 332 9.69 -28.21 11.18
C TYR B 332 8.90 -28.02 9.88
N LEU B 333 8.95 -26.81 9.32
CA LEU B 333 8.28 -26.56 8.06
C LEU B 333 8.79 -27.48 6.96
N ASP B 334 10.10 -27.69 6.91
CA ASP B 334 10.66 -28.62 5.94
C ASP B 334 10.08 -30.02 6.13
N LYS B 335 10.00 -30.48 7.37
CA LYS B 335 9.52 -31.82 7.64
C LYS B 335 8.09 -32.04 7.15
N ILE B 336 7.18 -31.15 7.54
CA ILE B 336 5.77 -31.37 7.18
C ILE B 336 5.51 -31.12 5.70
N THR B 337 6.27 -30.18 5.11
CA THR B 337 6.02 -29.81 3.72
C THR B 337 6.61 -30.84 2.76
N LYS B 338 7.74 -31.43 3.15
CA LYS B 338 8.28 -32.55 2.39
C LYS B 338 7.27 -33.70 2.36
N GLU B 339 6.71 -34.02 3.53
CA GLU B 339 5.73 -35.10 3.62
C GLU B 339 4.51 -34.79 2.75
N LEU B 340 4.01 -33.56 2.85
CA LEU B 340 2.85 -33.14 2.09
C LEU B 340 3.09 -33.25 0.59
N THR B 341 4.20 -32.68 0.15
CA THR B 341 4.49 -32.58 -1.28
C THR B 341 4.71 -33.96 -1.87
N ASN B 342 5.56 -34.75 -1.22
CA ASN B 342 5.84 -36.08 -1.74
C ASN B 342 4.61 -36.98 -1.63
N GLY B 343 3.79 -36.77 -0.60
CA GLY B 343 2.57 -37.54 -0.46
C GLY B 343 1.56 -37.28 -1.56
N ILE B 344 1.39 -36.00 -1.93
CA ILE B 344 0.49 -35.65 -3.02
C ILE B 344 1.01 -36.18 -4.37
N LEU B 345 2.29 -35.99 -4.63
CA LEU B 345 2.86 -36.50 -5.88
C LEU B 345 2.76 -38.02 -5.99
N GLU B 346 2.96 -38.72 -4.87
CA GLU B 346 2.84 -40.17 -4.87
C GLU B 346 1.39 -40.59 -5.12
N ALA B 347 0.45 -39.83 -4.56
CA ALA B 347 -0.97 -40.09 -4.79
C ALA B 347 -1.30 -39.95 -6.29
N GLY B 348 -0.72 -38.94 -6.93
CA GLY B 348 -0.91 -38.76 -8.36
C GLY B 348 -0.36 -39.93 -9.14
N LYS B 349 0.83 -40.38 -8.76
CA LYS B 349 1.44 -41.51 -9.44
C LYS B 349 0.56 -42.75 -9.32
N LYS B 350 0.07 -43.01 -8.11
CA LYS B 350 -0.74 -44.20 -7.85
C LYS B 350 -2.08 -44.20 -8.60
N THR B 351 -2.62 -43.01 -8.85
CA THR B 351 -3.92 -42.88 -9.49
C THR B 351 -3.80 -42.56 -10.98
N GLY B 352 -2.59 -42.55 -11.50
CA GLY B 352 -2.36 -42.42 -12.93
C GLY B 352 -2.38 -41.01 -13.50
N HIS B 353 -2.16 -40.01 -12.66
CA HIS B 353 -2.13 -38.63 -13.12
C HIS B 353 -0.72 -38.09 -13.17
N PRO B 354 -0.27 -37.64 -14.35
CA PRO B 354 1.04 -36.97 -14.43
C PRO B 354 1.04 -35.74 -13.54
N MET B 355 2.05 -35.64 -12.68
CA MET B 355 2.18 -34.50 -11.78
C MET B 355 3.66 -34.25 -11.55
N CYS B 356 3.98 -33.01 -11.21
CA CYS B 356 5.32 -32.68 -10.76
C CYS B 356 5.19 -31.56 -9.73
N GLY B 357 6.25 -31.36 -8.95
CA GLY B 357 6.16 -30.34 -7.93
C GLY B 357 7.40 -30.34 -7.08
N GLY B 358 7.37 -29.56 -6.01
CA GLY B 358 8.52 -29.42 -5.15
C GLY B 358 8.18 -28.51 -3.98
N TYR B 359 9.14 -28.33 -3.09
CA TYR B 359 8.93 -27.50 -1.94
C TYR B 359 10.28 -26.99 -1.44
N ILE B 360 10.21 -25.90 -0.69
CA ILE B 360 11.34 -25.40 0.11
C ILE B 360 10.71 -24.88 1.39
N SER B 361 11.12 -25.43 2.52
CA SER B 361 10.58 -25.06 3.83
CA SER B 361 10.60 -25.01 3.80
C SER B 361 9.07 -24.94 3.77
N GLY B 362 8.51 -23.77 4.09
CA GLY B 362 7.06 -23.61 4.10
C GLY B 362 6.37 -23.20 2.81
N MET B 363 7.02 -23.41 1.68
CA MET B 363 6.45 -23.04 0.39
C MET B 363 6.50 -24.25 -0.55
N PHE B 364 5.42 -24.51 -1.28
CA PHE B 364 5.39 -25.69 -2.15
C PHE B 364 4.51 -25.45 -3.36
N GLY B 365 4.54 -26.39 -4.29
CA GLY B 365 3.55 -26.38 -5.36
C GLY B 365 3.55 -27.69 -6.10
N PHE B 366 2.45 -27.94 -6.80
CA PHE B 366 2.35 -29.08 -7.69
C PHE B 366 1.61 -28.66 -8.95
N PHE B 367 1.96 -29.28 -10.06
CA PHE B 367 1.37 -29.01 -11.36
C PHE B 367 0.81 -30.32 -11.91
N PHE B 368 -0.36 -30.24 -12.55
CA PHE B 368 -0.87 -31.37 -13.32
C PHE B 368 -0.24 -31.39 -14.70
N ALA B 369 1.03 -31.80 -14.71
CA ALA B 369 1.86 -31.85 -15.89
C ALA B 369 2.99 -32.81 -15.62
N GLU B 370 3.57 -33.39 -16.67
CA GLU B 370 4.71 -34.27 -16.49
C GLU B 370 5.93 -33.51 -15.97
N GLY B 371 6.17 -32.33 -16.52
CA GLY B 371 7.32 -31.55 -16.08
C GLY B 371 8.62 -32.14 -16.57
N PRO B 372 9.77 -31.65 -16.06
CA PRO B 372 9.86 -30.61 -15.03
C PRO B 372 9.42 -29.24 -15.51
N VAL B 373 9.10 -28.38 -14.55
CA VAL B 373 8.71 -27.01 -14.87
C VAL B 373 9.85 -26.08 -14.47
N TYR B 374 10.42 -25.40 -15.46
CA TYR B 374 11.54 -24.49 -15.23
C TYR B 374 11.18 -23.02 -15.42
N ASN B 375 10.02 -22.76 -16.01
CA ASN B 375 9.69 -21.38 -16.39
C ASN B 375 8.19 -21.25 -16.62
N PHE B 376 7.75 -20.02 -16.90
CA PHE B 376 6.34 -19.71 -17.12
C PHE B 376 5.74 -20.57 -18.24
N ALA B 377 6.44 -20.64 -19.37
CA ALA B 377 5.96 -21.40 -20.50
C ALA B 377 5.71 -22.87 -20.13
N ASP B 378 6.65 -23.46 -19.40
CA ASP B 378 6.50 -24.85 -18.96
C ASP B 378 5.26 -25.01 -18.08
N SER B 379 5.00 -24.04 -17.22
CA SER B 379 3.88 -24.15 -16.29
C SER B 379 2.56 -24.20 -17.05
N LYS B 380 2.54 -23.59 -18.24
CA LYS B 380 1.33 -23.55 -19.05
C LYS B 380 0.96 -24.88 -19.70
N LYS B 381 1.81 -25.89 -19.54
CA LYS B 381 1.50 -27.26 -19.97
C LYS B 381 0.49 -27.90 -19.02
N SER B 382 0.28 -27.29 -17.86
CA SER B 382 -0.59 -27.85 -16.85
C SER B 382 -2.02 -28.03 -17.31
N ASP B 383 -2.62 -29.15 -16.90
CA ASP B 383 -4.02 -29.42 -17.21
C ASP B 383 -4.89 -28.67 -16.20
N THR B 384 -5.33 -27.49 -16.58
CA THR B 384 -6.09 -26.63 -15.68
C THR B 384 -7.52 -27.12 -15.47
N GLU B 385 -8.07 -27.86 -16.43
CA GLU B 385 -9.39 -28.46 -16.22
C GLU B 385 -9.31 -29.48 -15.09
N LYS B 386 -8.28 -30.31 -15.14
CA LYS B 386 -8.04 -31.29 -14.09
C LYS B 386 -7.75 -30.60 -12.76
N PHE B 387 -6.95 -29.53 -12.78
CA PHE B 387 -6.71 -28.81 -11.55
C PHE B 387 -8.02 -28.34 -10.93
N GLY B 388 -8.91 -27.80 -11.74
CA GLY B 388 -10.20 -27.35 -11.23
C GLY B 388 -11.00 -28.45 -10.55
N ARG B 389 -11.03 -29.62 -11.18
CA ARG B 389 -11.73 -30.76 -10.60
C ARG B 389 -11.08 -31.17 -9.26
N PHE B 390 -9.76 -31.20 -9.23
CA PHE B 390 -9.03 -31.52 -8.01
C PHE B 390 -9.33 -30.50 -6.91
N PHE B 391 -9.21 -29.23 -7.25
CA PHE B 391 -9.43 -28.16 -6.30
C PHE B 391 -10.84 -28.23 -5.68
N ARG B 392 -11.86 -28.36 -6.51
CA ARG B 392 -13.23 -28.39 -6.01
C ARG B 392 -13.49 -29.66 -5.20
N GLY B 393 -12.91 -30.78 -5.64
CA GLY B 393 -13.04 -32.02 -4.90
C GLY B 393 -12.41 -31.92 -3.52
N MET B 394 -11.27 -31.24 -3.45
CA MET B 394 -10.59 -31.09 -2.17
C MET B 394 -11.37 -30.19 -1.21
N LEU B 395 -12.03 -29.15 -1.73
CA LEU B 395 -12.88 -28.30 -0.89
C LEU B 395 -13.91 -29.15 -0.14
N GLU B 396 -14.55 -30.05 -0.88
CA GLU B 396 -15.59 -30.92 -0.32
C GLU B 396 -15.03 -31.84 0.75
N GLU B 397 -13.76 -32.22 0.60
CA GLU B 397 -13.06 -33.06 1.56
C GLU B 397 -12.43 -32.26 2.72
N GLY B 398 -12.65 -30.95 2.75
CA GLY B 398 -12.16 -30.14 3.85
C GLY B 398 -10.73 -29.66 3.72
N VAL B 399 -10.27 -29.46 2.49
CA VAL B 399 -8.91 -28.94 2.25
C VAL B 399 -9.02 -27.77 1.29
N TYR B 400 -8.34 -26.66 1.63
CA TYR B 400 -8.36 -25.44 0.83
C TYR B 400 -6.98 -25.13 0.28
N PHE B 401 -6.76 -25.49 -0.99
CA PHE B 401 -5.55 -25.10 -1.71
C PHE B 401 -5.76 -23.74 -2.38
N ALA B 402 -4.68 -23.17 -2.92
CA ALA B 402 -4.84 -21.94 -3.69
C ALA B 402 -5.78 -22.19 -4.87
N PRO B 403 -6.72 -21.29 -5.08
CA PRO B 403 -7.71 -21.42 -6.15
C PRO B 403 -7.13 -21.08 -7.52
N SER B 404 -6.00 -21.68 -7.85
CA SER B 404 -5.36 -21.48 -9.14
C SER B 404 -4.24 -22.49 -9.27
N GLN B 405 -4.00 -22.95 -10.49
CA GLN B 405 -2.87 -23.82 -10.76
C GLN B 405 -1.59 -22.98 -10.74
N PHE B 406 -1.73 -21.67 -10.87
CA PHE B 406 -0.58 -20.79 -11.02
C PHE B 406 -0.26 -19.98 -9.77
N GLU B 407 -0.46 -20.61 -8.62
CA GLU B 407 -0.08 -20.04 -7.33
C GLU B 407 0.59 -21.12 -6.50
N ALA B 408 1.64 -20.76 -5.77
CA ALA B 408 2.25 -21.66 -4.80
C ALA B 408 1.35 -21.83 -3.59
N GLY B 409 1.61 -22.89 -2.84
CA GLY B 409 0.94 -23.16 -1.58
C GLY B 409 1.86 -22.93 -0.39
N PHE B 410 1.26 -22.87 0.79
CA PHE B 410 1.95 -22.45 2.00
C PHE B 410 1.55 -23.32 3.17
N THR B 411 2.55 -23.70 3.96
CA THR B 411 2.29 -24.37 5.23
C THR B 411 2.65 -23.44 6.39
N SER B 412 2.30 -23.86 7.60
CA SER B 412 2.48 -23.01 8.77
C SER B 412 2.94 -23.84 9.95
N LEU B 413 3.42 -23.15 10.98
CA LEU B 413 3.83 -23.82 12.20
C LEU B 413 2.67 -24.46 12.94
N ALA B 414 1.44 -24.07 12.61
CA ALA B 414 0.26 -24.65 13.23
C ALA B 414 -0.26 -25.89 12.50
N HIS B 415 0.29 -26.19 11.32
CA HIS B 415 -0.05 -27.45 10.66
C HIS B 415 0.62 -28.58 11.41
N THR B 416 -0.15 -29.64 11.69
CA THR B 416 0.37 -30.80 12.41
C THR B 416 0.63 -31.94 11.43
N PRO B 417 1.42 -32.95 11.87
CA PRO B 417 1.59 -34.12 11.00
C PRO B 417 0.26 -34.76 10.63
N GLU B 418 -0.71 -34.67 11.54
CA GLU B 418 -2.03 -35.21 11.29
C GLU B 418 -2.79 -34.41 10.22
N ASP B 419 -2.68 -33.08 10.24
CA ASP B 419 -3.25 -32.25 9.18
C ASP B 419 -2.71 -32.75 7.84
N ILE B 420 -1.40 -32.97 7.78
CA ILE B 420 -0.76 -33.38 6.55
C ILE B 420 -1.26 -34.75 6.09
N GLN B 421 -1.34 -35.71 7.01
CA GLN B 421 -1.81 -37.05 6.67
CA GLN B 421 -1.81 -37.05 6.67
C GLN B 421 -3.25 -37.04 6.16
N LEU B 422 -4.11 -36.26 6.83
CA LEU B 422 -5.50 -36.17 6.40
C LEU B 422 -5.59 -35.54 5.01
N THR B 423 -4.71 -34.59 4.74
CA THR B 423 -4.69 -33.93 3.44
C THR B 423 -4.26 -34.90 2.33
N ILE B 424 -3.20 -35.67 2.59
CA ILE B 424 -2.74 -36.65 1.62
C ILE B 424 -3.82 -37.69 1.33
N ALA B 425 -4.47 -38.17 2.40
CA ALA B 425 -5.54 -39.15 2.24
C ALA B 425 -6.68 -38.61 1.39
N ALA B 426 -7.07 -37.36 1.65
CA ALA B 426 -8.11 -36.71 0.85
C ALA B 426 -7.68 -36.59 -0.61
N ALA B 427 -6.42 -36.21 -0.83
CA ALA B 427 -5.90 -36.08 -2.18
C ALA B 427 -6.00 -37.40 -2.96
N GLU B 428 -5.64 -38.51 -2.31
N GLU B 428 -5.63 -38.50 -2.29
CA GLU B 428 -5.73 -39.79 -2.98
CA GLU B 428 -5.72 -39.82 -2.91
C GLU B 428 -7.17 -40.14 -3.33
C GLU B 428 -7.16 -40.12 -3.33
N ARG B 429 -8.11 -39.84 -2.44
CA ARG B 429 -9.52 -40.06 -2.73
C ARG B 429 -9.99 -39.24 -3.92
N VAL B 430 -9.68 -37.94 -3.90
CA VAL B 430 -10.11 -37.07 -4.99
C VAL B 430 -9.46 -37.47 -6.32
N LEU B 431 -8.15 -37.70 -6.29
CA LEU B 431 -7.44 -38.09 -7.50
C LEU B 431 -7.96 -39.39 -8.10
N SER B 432 -8.44 -40.29 -7.24
CA SER B 432 -8.98 -41.56 -7.71
C SER B 432 -10.34 -41.38 -8.42
N ARG B 433 -10.92 -40.19 -8.29
CA ARG B 433 -12.27 -39.93 -8.82
C ARG B 433 -12.31 -39.00 -10.03
N ILE B 434 -11.29 -38.16 -10.16
CA ILE B 434 -11.21 -37.22 -11.28
C ILE B 434 -10.37 -37.77 -12.41
#